data_6TMM
#
_entry.id   6TMM
#
_cell.length_a   133.477
_cell.length_b   72.769
_cell.length_c   70.264
_cell.angle_alpha   90.000
_cell.angle_beta   97.871
_cell.angle_gamma   90.000
#
_symmetry.space_group_name_H-M   'C 1 2 1'
#
loop_
_entity.id
_entity.type
_entity.pdbx_description
1 polymer 'NAD(P)(+)--arginine ADP-ribosyltransferase'
2 polymer 'NAD(P)(+)--arginine ADP-ribosyltransferase'
3 non-polymer 'FORMIC ACID'
4 non-polymer DI(HYDROXYETHYL)ETHER
5 non-polymer 'MERCURY (II) ION'
6 non-polymer 'CALCIUM ION'
7 water water
#
loop_
_entity_poly.entity_id
_entity_poly.type
_entity_poly.pdbx_seq_one_letter_code
_entity_poly.pdbx_strand_id
1 'polypeptide(L)'
;LILNLRGGAFVSNTQITMADKQKKFINEIQEGDLVRSYSITDETFQQNAVTSIVKHEADQLCQINFGKQHVVCTVNHRFY
DPESKLWKSVCPHPGSGISFLKKYDYLLSEEGEKLQITEIKTFTTKQPVFIYHIQVENNHNFFANGVLAHAMQVSI
;
AAA,CCC
2 'polypeptide(L)'
;LILNLRGGAFVSNTQITMADKQKKFINEIQEGDLVRSYSITDETFQQNAVTSIVKHEADQLCQINFGKQHVVCTVNHRFY
DPESKLWKSVCPHPGSGISFLKKYDYLLSEEGEKLQITEIKTFTTKQPVFIYHIQVENNHNFFANGVLAHAMQVS
;
BBB,DDD
#
loop_
_chem_comp.id
_chem_comp.type
_chem_comp.name
_chem_comp.formula
CA non-polymer 'CALCIUM ION' 'Ca 2'
FMT non-polymer 'FORMIC ACID' 'C H2 O2'
HG non-polymer 'MERCURY (II) ION' 'Hg 2'
PEG non-polymer DI(HYDROXYETHYL)ETHER 'C4 H10 O3'
#
# COMPACT_ATOMS: atom_id res chain seq x y z
N LEU A 1 -5.51 4.89 7.27
CA LEU A 1 -4.23 5.63 6.99
C LEU A 1 -3.16 4.61 6.57
N ILE A 2 -2.81 4.57 5.28
CA ILE A 2 -1.73 3.71 4.72
C ILE A 2 -0.54 4.62 4.42
N LEU A 3 0.56 4.44 5.17
CA LEU A 3 1.75 5.34 5.18
C LEU A 3 2.92 4.62 4.49
N ASN A 4 3.46 5.22 3.43
CA ASN A 4 4.68 4.73 2.72
C ASN A 4 5.90 5.44 3.30
N LEU A 5 6.82 4.67 3.89
CA LEU A 5 8.16 5.14 4.34
C LEU A 5 9.15 4.94 3.18
N ARG A 6 9.48 6.02 2.47
CA ARG A 6 10.21 5.96 1.17
C ARG A 6 11.66 5.53 1.37
N GLY A 7 12.35 6.10 2.35
CA GLY A 7 13.77 5.77 2.61
C GLY A 7 13.97 4.40 3.22
N GLY A 8 12.89 3.65 3.50
CA GLY A 8 12.95 2.45 4.36
C GLY A 8 13.41 2.84 5.74
N ALA A 9 14.08 1.93 6.46
CA ALA A 9 14.40 2.10 7.90
C ALA A 9 15.75 1.45 8.25
N PHE A 10 16.36 1.92 9.33
CA PHE A 10 17.74 1.61 9.76
C PHE A 10 17.72 0.96 11.15
N VAL A 11 18.65 0.04 11.43
CA VAL A 11 18.73 -0.65 12.75
C VAL A 11 19.09 0.39 13.82
N SER A 12 18.76 0.11 15.08
CA SER A 12 18.86 1.09 16.21
C SER A 12 20.31 1.60 16.35
N ASN A 13 21.27 0.74 16.01
CA ASN A 13 22.73 0.98 16.02
C ASN A 13 23.17 2.10 15.06
N THR A 14 22.37 2.43 14.03
CA THR A 14 22.76 3.35 12.94
C THR A 14 23.12 4.72 13.52
N GLN A 15 24.29 5.25 13.19
CA GLN A 15 24.75 6.60 13.63
C GLN A 15 24.22 7.66 12.66
N ILE A 16 23.67 8.74 13.22
CA ILE A 16 23.14 9.93 12.50
C ILE A 16 24.10 11.09 12.76
N THR A 17 24.46 11.84 11.72
CA THR A 17 25.34 13.02 11.82
C THR A 17 24.50 14.24 12.17
N MET A 18 24.72 14.83 13.35
CA MET A 18 23.99 16.04 13.82
C MET A 18 24.58 17.27 13.13
N ALA A 19 23.84 18.38 13.16
CA ALA A 19 24.22 19.67 12.51
C ALA A 19 25.69 20.00 12.81
N ASP A 20 26.16 19.73 14.03
CA ASP A 20 27.51 20.08 14.54
C ASP A 20 28.49 18.89 14.38
N LYS A 21 28.17 17.92 13.51
CA LYS A 21 29.04 16.77 13.12
C LYS A 21 29.31 15.79 14.28
N GLN A 22 28.60 15.91 15.41
CA GLN A 22 28.55 14.85 16.45
C GLN A 22 27.69 13.70 15.94
N LYS A 23 27.88 12.50 16.49
CA LYS A 23 27.11 11.27 16.13
C LYS A 23 26.08 10.99 17.23
N LYS A 24 24.89 10.59 16.83
CA LYS A 24 23.74 10.22 17.70
C LYS A 24 23.13 8.95 17.12
N PHE A 25 22.97 7.90 17.93
CA PHE A 25 22.24 6.67 17.52
C PHE A 25 20.83 7.06 17.10
N ILE A 26 20.32 6.44 16.04
CA ILE A 26 19.00 6.82 15.45
C ILE A 26 17.88 6.51 16.45
N ASN A 27 18.09 5.55 17.36
CA ASN A 27 17.10 5.21 18.42
C ASN A 27 17.20 6.23 19.57
N GLU A 28 18.10 7.24 19.50
CA GLU A 28 18.16 8.38 20.45
C GLU A 28 17.49 9.63 19.85
N ILE A 29 17.36 9.72 18.52
CA ILE A 29 16.94 10.96 17.80
C ILE A 29 15.52 11.33 18.25
N GLN A 30 15.29 12.61 18.52
CA GLN A 30 13.99 13.19 18.98
C GLN A 30 13.53 14.27 17.99
N GLU A 31 12.21 14.50 17.89
CA GLU A 31 11.64 15.63 17.10
C GLU A 31 12.35 16.91 17.52
N GLY A 32 12.72 17.75 16.56
CA GLY A 32 13.39 19.05 16.81
C GLY A 32 14.91 18.93 16.76
N ASP A 33 15.46 17.72 16.71
CA ASP A 33 16.94 17.51 16.63
C ASP A 33 17.41 18.01 15.25
N LEU A 34 18.57 18.66 15.22
CA LEU A 34 19.13 19.34 14.03
C LEU A 34 20.19 18.42 13.41
N VAL A 35 20.02 18.03 12.15
CA VAL A 35 20.85 16.99 11.48
C VAL A 35 21.56 17.62 10.28
N ARG A 36 22.76 17.13 9.96
CA ARG A 36 23.52 17.49 8.74
C ARG A 36 22.77 16.94 7.52
N SER A 37 22.12 17.82 6.76
CA SER A 37 21.37 17.55 5.49
C SER A 37 22.23 17.91 4.29
N TYR A 38 21.71 17.67 3.07
CA TYR A 38 22.42 17.98 1.79
C TYR A 38 21.40 18.41 0.72
N SER A 39 21.65 19.57 0.12
CA SER A 39 20.90 20.08 -1.05
C SER A 39 21.52 19.47 -2.32
N ILE A 40 20.78 18.57 -2.98
CA ILE A 40 21.28 17.78 -4.15
C ILE A 40 21.62 18.76 -5.29
N THR A 41 20.66 19.56 -5.75
CA THR A 41 20.80 20.53 -6.88
C THR A 41 22.01 21.46 -6.63
N ASP A 42 22.16 21.98 -5.41
CA ASP A 42 23.12 23.05 -5.05
C ASP A 42 24.51 22.47 -4.76
N GLU A 43 24.58 21.18 -4.40
CA GLU A 43 25.81 20.50 -3.93
C GLU A 43 26.36 21.27 -2.71
N THR A 44 25.46 21.69 -1.81
CA THR A 44 25.77 22.43 -0.54
C THR A 44 25.14 21.70 0.65
N PHE A 45 25.85 21.63 1.77
CA PHE A 45 25.40 21.04 3.05
C PHE A 45 24.52 22.04 3.81
N GLN A 46 23.64 21.54 4.68
CA GLN A 46 22.61 22.35 5.40
C GLN A 46 22.20 21.64 6.70
N GLN A 47 21.93 22.43 7.75
CA GLN A 47 21.32 21.94 9.02
C GLN A 47 19.81 21.89 8.82
N ASN A 48 19.16 20.86 9.34
CA ASN A 48 17.68 20.70 9.25
C ASN A 48 17.20 19.91 10.47
N ALA A 49 15.91 20.01 10.76
CA ALA A 49 15.28 19.53 12.01
C ALA A 49 14.43 18.28 11.72
N VAL A 50 14.52 17.29 12.59
CA VAL A 50 13.68 16.06 12.55
C VAL A 50 12.28 16.44 12.99
N THR A 51 11.26 16.10 12.19
CA THR A 51 9.83 16.42 12.45
C THR A 51 9.09 15.15 12.91
N SER A 52 9.58 13.96 12.57
CA SER A 52 8.90 12.66 12.84
C SER A 52 9.89 11.50 12.97
N ILE A 53 9.62 10.57 13.88
CA ILE A 53 10.35 9.28 14.02
C ILE A 53 9.31 8.16 14.01
N VAL A 54 9.50 7.17 13.13
CA VAL A 54 8.66 5.94 13.08
C VAL A 54 9.53 4.73 13.40
N LYS A 55 9.07 3.93 14.37
CA LYS A 55 9.65 2.63 14.76
C LYS A 55 8.72 1.53 14.23
N HIS A 56 9.27 0.55 13.50
CA HIS A 56 8.62 -0.74 13.15
C HIS A 56 9.58 -1.88 13.49
N GLU A 57 9.27 -3.12 13.07
CA GLU A 57 10.08 -4.34 13.31
C GLU A 57 10.36 -5.05 11.99
N ALA A 58 11.52 -5.70 11.86
CA ALA A 58 11.88 -6.56 10.71
C ALA A 58 12.93 -7.59 11.13
N ASP A 59 12.90 -8.77 10.51
CA ASP A 59 13.94 -9.81 10.68
C ASP A 59 14.65 -10.08 9.35
N GLN A 60 14.29 -9.34 8.30
CA GLN A 60 14.93 -9.46 6.97
C GLN A 60 15.56 -8.09 6.66
N LEU A 61 16.89 -8.04 6.62
CA LEU A 61 17.65 -6.77 6.52
C LEU A 61 18.68 -6.86 5.40
N CYS A 62 19.33 -5.73 5.15
CA CYS A 62 20.32 -5.54 4.08
C CYS A 62 21.57 -4.89 4.68
N GLN A 63 22.75 -5.48 4.46
CA GLN A 63 24.04 -4.88 4.89
C GLN A 63 24.81 -4.40 3.66
N ILE A 64 25.01 -3.08 3.58
CA ILE A 64 25.84 -2.45 2.52
C ILE A 64 27.22 -2.14 3.12
N ASN A 65 28.24 -2.89 2.69
N ASN A 65 28.24 -2.87 2.64
CA ASN A 65 29.67 -2.64 2.99
CA ASN A 65 29.67 -2.68 2.95
C ASN A 65 30.21 -1.68 1.93
C ASN A 65 30.24 -1.69 1.91
N PHE A 66 30.89 -0.62 2.35
CA PHE A 66 31.60 0.35 1.46
C PHE A 66 33.02 0.49 2.01
N GLY A 67 33.85 -0.49 1.69
CA GLY A 67 35.13 -0.75 2.37
C GLY A 67 34.89 -1.47 3.69
N LYS A 68 35.44 -0.94 4.77
CA LYS A 68 35.44 -1.58 6.12
C LYS A 68 34.18 -1.11 6.86
N GLN A 69 33.73 0.12 6.58
CA GLN A 69 32.44 0.72 7.01
C GLN A 69 31.25 -0.09 6.49
N HIS A 70 30.08 0.05 7.10
CA HIS A 70 28.81 -0.53 6.58
C HIS A 70 27.61 0.11 7.26
N VAL A 71 26.42 -0.15 6.69
CA VAL A 71 25.09 0.34 7.15
C VAL A 71 24.11 -0.83 6.99
N VAL A 72 23.24 -1.02 7.98
CA VAL A 72 22.21 -2.11 8.01
C VAL A 72 20.83 -1.46 7.97
N CYS A 73 20.06 -1.77 6.95
CA CYS A 73 18.72 -1.15 6.70
C CYS A 73 17.82 -2.19 6.06
N THR A 74 16.56 -1.84 5.86
CA THR A 74 15.58 -2.58 5.03
C THR A 74 16.07 -2.54 3.57
N VAL A 75 15.68 -3.53 2.78
CA VAL A 75 16.10 -3.80 1.37
C VAL A 75 15.49 -2.74 0.45
N ASN A 76 14.34 -2.16 0.84
CA ASN A 76 13.78 -0.98 0.12
CA ASN A 76 13.72 -0.99 0.15
C ASN A 76 14.20 0.28 0.87
N HIS A 77 15.35 0.81 0.46
CA HIS A 77 15.99 2.02 1.02
C HIS A 77 16.15 3.03 -0.10
N ARG A 78 16.78 4.18 0.17
CA ARG A 78 17.17 5.16 -0.88
C ARG A 78 18.47 5.83 -0.48
N PHE A 79 19.57 5.42 -1.11
CA PHE A 79 20.90 6.04 -0.98
C PHE A 79 21.21 6.80 -2.27
N TYR A 80 21.88 7.95 -2.15
CA TYR A 80 22.25 8.80 -3.30
C TYR A 80 23.61 8.35 -3.81
N ASP A 81 23.70 8.06 -5.11
CA ASP A 81 24.97 7.78 -5.83
C ASP A 81 25.44 9.07 -6.51
N PRO A 82 26.56 9.66 -6.07
CA PRO A 82 27.02 10.94 -6.62
C PRO A 82 27.79 10.79 -7.94
N GLU A 83 28.24 9.58 -8.28
CA GLU A 83 28.81 9.24 -9.62
C GLU A 83 27.67 9.26 -10.65
N SER A 84 26.66 8.38 -10.50
CA SER A 84 25.51 8.23 -11.43
C SER A 84 24.53 9.40 -11.31
N LYS A 85 24.63 10.20 -10.24
CA LYS A 85 23.69 11.30 -9.94
C LYS A 85 22.27 10.73 -9.85
N LEU A 86 22.09 9.61 -9.12
CA LEU A 86 20.80 8.90 -8.98
C LEU A 86 20.60 8.41 -7.55
N TRP A 87 19.37 8.51 -7.05
CA TRP A 87 18.89 7.77 -5.85
C TRP A 87 18.73 6.30 -6.24
N LYS A 88 19.22 5.40 -5.39
CA LYS A 88 19.31 3.94 -5.68
C LYS A 88 18.85 3.10 -4.49
N SER A 89 18.25 1.95 -4.80
CA SER A 89 17.74 0.94 -3.87
C SER A 89 18.22 -0.43 -4.34
N VAL A 90 18.54 -1.34 -3.42
CA VAL A 90 18.85 -2.76 -3.78
C VAL A 90 17.58 -3.37 -4.36
N CYS A 91 16.43 -3.00 -3.79
CA CYS A 91 15.09 -3.57 -4.12
C CYS A 91 14.12 -2.45 -4.42
N PRO A 92 14.23 -1.82 -5.61
CA PRO A 92 13.28 -0.79 -6.03
C PRO A 92 11.93 -1.47 -6.30
N HIS A 93 10.84 -0.83 -5.90
CA HIS A 93 9.48 -1.20 -6.36
C HIS A 93 9.41 -0.85 -7.85
N PRO A 94 8.79 -1.72 -8.69
CA PRO A 94 8.55 -1.40 -10.10
C PRO A 94 7.90 -0.02 -10.35
N GLY A 95 8.32 0.65 -11.42
CA GLY A 95 7.84 1.99 -11.83
C GLY A 95 7.80 2.96 -10.66
N SER A 96 8.89 3.04 -9.89
CA SER A 96 9.10 4.02 -8.79
C SER A 96 10.15 5.05 -9.20
N GLY A 97 10.93 4.76 -10.25
CA GLY A 97 11.96 5.67 -10.79
C GLY A 97 13.24 5.64 -9.99
N ILE A 98 13.38 4.66 -9.08
CA ILE A 98 14.64 4.39 -8.33
C ILE A 98 15.40 3.31 -9.11
N SER A 99 16.69 3.52 -9.38
CA SER A 99 17.60 2.54 -10.04
C SER A 99 18.06 1.50 -9.01
N PHE A 100 18.53 0.35 -9.50
CA PHE A 100 19.17 -0.70 -8.68
C PHE A 100 20.44 -0.14 -8.05
N LEU A 101 20.64 -0.39 -6.75
CA LEU A 101 21.92 -0.15 -6.06
C LEU A 101 22.72 -1.46 -6.14
N LYS A 102 23.92 -1.40 -6.73
CA LYS A 102 24.70 -2.61 -7.07
C LYS A 102 26.08 -2.51 -6.42
N LYS A 103 26.76 -3.65 -6.35
CA LYS A 103 28.18 -3.76 -5.96
C LYS A 103 28.99 -2.82 -6.88
N TYR A 104 29.85 -1.99 -6.27
CA TYR A 104 30.81 -1.06 -6.90
C TYR A 104 30.12 0.21 -7.39
N ASP A 105 28.87 0.45 -6.95
CA ASP A 105 28.23 1.79 -7.09
C ASP A 105 28.82 2.70 -6.00
N TYR A 106 28.52 3.99 -6.04
CA TYR A 106 29.12 5.00 -5.13
C TYR A 106 28.04 5.57 -4.20
N LEU A 107 28.46 5.92 -2.98
CA LEU A 107 27.62 6.63 -1.99
C LEU A 107 28.27 7.98 -1.68
N LEU A 108 27.52 8.92 -1.10
CA LEU A 108 28.04 10.26 -0.75
C LEU A 108 28.25 10.35 0.77
N SER A 109 29.50 10.53 1.18
CA SER A 109 29.93 10.68 2.60
C SER A 109 29.47 12.04 3.16
N GLU A 110 29.57 12.22 4.48
CA GLU A 110 29.15 13.44 5.22
C GLU A 110 30.13 14.59 4.92
N GLU A 111 31.38 14.26 4.55
CA GLU A 111 32.41 15.25 4.15
C GLU A 111 32.14 15.69 2.70
N GLY A 112 31.54 14.82 1.89
CA GLY A 112 31.24 15.06 0.46
C GLY A 112 32.15 14.25 -0.46
N GLU A 113 32.73 13.16 0.05
CA GLU A 113 33.54 12.19 -0.72
C GLU A 113 32.63 11.17 -1.40
N LYS A 114 33.10 10.60 -2.51
CA LYS A 114 32.49 9.45 -3.23
C LYS A 114 33.07 8.17 -2.64
N LEU A 115 32.22 7.33 -2.03
CA LEU A 115 32.62 6.05 -1.36
C LEU A 115 32.02 4.87 -2.15
N GLN A 116 32.83 3.86 -2.44
CA GLN A 116 32.42 2.73 -3.33
C GLN A 116 31.89 1.57 -2.49
N ILE A 117 30.71 1.05 -2.85
CA ILE A 117 30.11 -0.19 -2.26
C ILE A 117 30.96 -1.39 -2.68
N THR A 118 31.46 -2.17 -1.73
CA THR A 118 32.34 -3.35 -1.98
C THR A 118 31.55 -4.65 -1.79
N GLU A 119 30.42 -4.64 -1.11
CA GLU A 119 29.61 -5.84 -0.84
C GLU A 119 28.19 -5.44 -0.43
N ILE A 120 27.20 -6.19 -0.93
CA ILE A 120 25.78 -6.12 -0.52
C ILE A 120 25.39 -7.52 -0.07
N LYS A 121 25.02 -7.67 1.21
CA LYS A 121 24.62 -8.96 1.83
C LYS A 121 23.19 -8.86 2.35
N THR A 122 22.46 -9.96 2.26
CA THR A 122 21.23 -10.23 3.04
C THR A 122 21.65 -10.56 4.48
N PHE A 123 20.87 -10.09 5.45
CA PHE A 123 21.07 -10.37 6.89
C PHE A 123 19.71 -10.71 7.48
N THR A 124 19.61 -11.89 8.10
CA THR A 124 18.38 -12.40 8.75
C THR A 124 18.62 -12.47 10.26
N THR A 125 17.67 -11.99 11.06
CA THR A 125 17.66 -12.12 12.54
C THR A 125 16.63 -13.20 12.92
N LYS A 126 16.93 -13.97 13.97
CA LYS A 126 16.07 -15.07 14.47
C LYS A 126 14.90 -14.47 15.26
N GLN A 127 15.03 -13.21 15.68
CA GLN A 127 13.99 -12.39 16.33
C GLN A 127 13.79 -11.14 15.47
N PRO A 128 12.55 -10.63 15.28
CA PRO A 128 12.38 -9.28 14.75
C PRO A 128 13.14 -8.24 15.59
N VAL A 129 13.71 -7.26 14.91
CA VAL A 129 14.54 -6.17 15.50
C VAL A 129 13.84 -4.84 15.20
N PHE A 130 13.98 -3.85 16.07
CA PHE A 130 13.44 -2.48 15.90
C PHE A 130 14.20 -1.77 14.77
N ILE A 131 13.46 -1.15 13.85
CA ILE A 131 13.99 -0.32 12.73
C ILE A 131 13.41 1.09 12.86
N TYR A 132 14.15 2.13 12.43
CA TYR A 132 13.77 3.56 12.63
C TYR A 132 13.78 4.31 11.30
N HIS A 133 12.73 5.09 11.07
CA HIS A 133 12.57 6.04 9.94
C HIS A 133 12.41 7.45 10.51
N ILE A 134 13.29 8.38 10.12
CA ILE A 134 13.22 9.81 10.54
C ILE A 134 12.83 10.67 9.35
N GLN A 135 11.85 11.54 9.55
CA GLN A 135 11.45 12.63 8.61
C GLN A 135 12.29 13.86 8.97
N VAL A 136 13.06 14.38 8.00
CA VAL A 136 13.84 15.65 8.08
C VAL A 136 13.12 16.70 7.22
N GLU A 137 13.05 17.96 7.66
CA GLU A 137 11.98 18.93 7.30
C GLU A 137 12.02 19.30 5.82
N ASN A 138 13.10 19.90 5.32
CA ASN A 138 13.18 20.53 3.96
C ASN A 138 13.75 19.50 2.97
N ASN A 139 15.00 19.07 3.15
CA ASN A 139 15.77 18.24 2.18
C ASN A 139 15.43 16.75 2.32
N HIS A 140 14.73 16.35 3.39
CA HIS A 140 14.23 14.97 3.60
C HIS A 140 15.34 13.94 3.37
N ASN A 141 16.55 14.24 3.82
CA ASN A 141 17.70 13.32 3.75
C ASN A 141 18.64 13.58 4.93
N PHE A 142 19.62 12.71 5.15
CA PHE A 142 20.53 12.74 6.32
C PHE A 142 21.66 11.75 6.10
N PHE A 143 22.66 11.74 6.99
CA PHE A 143 23.85 10.86 6.89
C PHE A 143 23.72 9.73 7.91
N ALA A 144 23.49 8.53 7.39
CA ALA A 144 23.37 7.27 8.13
C ALA A 144 24.70 6.52 8.04
N ASN A 145 25.41 6.37 9.15
CA ASN A 145 26.77 5.76 9.20
C ASN A 145 27.67 6.48 8.18
N GLY A 146 27.49 7.79 8.04
CA GLY A 146 28.38 8.67 7.26
C GLY A 146 28.02 8.78 5.78
N VAL A 147 26.94 8.13 5.31
CA VAL A 147 26.52 8.18 3.87
C VAL A 147 25.11 8.72 3.76
N LEU A 148 24.76 9.31 2.61
CA LEU A 148 23.53 10.11 2.41
C LEU A 148 22.36 9.19 2.08
N ALA A 149 21.27 9.29 2.86
CA ALA A 149 20.03 8.51 2.69
C ALA A 149 18.83 9.45 2.62
N HIS A 150 17.87 9.15 1.76
CA HIS A 150 16.56 9.86 1.67
C HIS A 150 15.56 9.15 2.59
N ALA A 151 14.64 9.89 3.21
CA ALA A 151 13.49 9.33 3.97
C ALA A 151 12.30 10.29 3.88
N MET A 152 11.10 9.75 3.65
CA MET A 152 9.84 10.55 3.54
C MET A 152 8.63 9.71 3.99
N GLN A 153 7.86 10.23 4.94
CA GLN A 153 6.48 9.76 5.29
C GLN A 153 5.48 10.36 4.31
N VAL A 154 4.81 9.51 3.51
CA VAL A 154 3.82 9.92 2.48
C VAL A 154 2.54 9.08 2.67
N SER A 155 1.38 9.75 2.67
CA SER A 155 0.03 9.14 2.80
C SER A 155 -0.45 8.66 1.42
N ILE A 156 -1.25 7.59 1.39
CA ILE A 156 -1.78 6.95 0.14
C ILE A 156 -3.32 6.91 0.23
N LEU B 1 -8.75 1.93 -4.23
CA LEU B 1 -8.48 0.48 -3.95
C LEU B 1 -6.97 0.23 -4.07
N ILE B 2 -6.34 -0.31 -3.02
CA ILE B 2 -4.89 -0.63 -3.01
C ILE B 2 -4.75 -2.16 -3.06
N LEU B 3 -4.12 -2.66 -4.12
CA LEU B 3 -4.05 -4.09 -4.50
C LEU B 3 -2.60 -4.56 -4.43
N ASN B 4 -2.28 -5.38 -3.42
CA ASN B 4 -0.97 -6.08 -3.30
C ASN B 4 -1.03 -7.34 -4.17
N LEU B 5 -0.25 -7.36 -5.26
CA LEU B 5 -0.06 -8.57 -6.12
C LEU B 5 1.07 -9.42 -5.52
N ARG B 6 0.76 -10.24 -4.51
CA ARG B 6 1.69 -11.21 -3.88
C ARG B 6 2.14 -12.23 -4.92
N GLY B 7 3.41 -12.19 -5.33
CA GLY B 7 4.00 -13.10 -6.32
C GLY B 7 4.54 -12.37 -7.54
N GLY B 8 4.40 -11.04 -7.60
CA GLY B 8 4.93 -10.19 -8.68
C GLY B 8 4.39 -10.60 -10.05
N ALA B 9 5.13 -10.29 -11.12
CA ALA B 9 4.69 -10.42 -12.53
C ALA B 9 5.86 -10.87 -13.42
N PHE B 10 5.53 -11.52 -14.53
CA PHE B 10 6.48 -12.20 -15.46
C PHE B 10 6.41 -11.54 -16.84
N VAL B 11 7.52 -11.54 -17.58
CA VAL B 11 7.60 -10.96 -18.95
C VAL B 11 6.75 -11.81 -19.90
N SER B 12 6.45 -11.24 -21.08
N SER B 12 6.44 -11.26 -21.08
CA SER B 12 5.53 -11.78 -22.13
CA SER B 12 5.49 -11.81 -22.09
C SER B 12 5.87 -13.24 -22.47
C SER B 12 5.86 -13.25 -22.48
N ASN B 13 7.14 -13.52 -22.77
CA ASN B 13 7.60 -14.82 -23.32
C ASN B 13 7.90 -15.85 -22.21
N THR B 14 7.44 -15.62 -20.97
CA THR B 14 7.44 -16.62 -19.86
C THR B 14 6.45 -17.74 -20.19
N GLN B 15 6.88 -19.00 -20.06
CA GLN B 15 6.08 -20.20 -20.43
C GLN B 15 5.31 -20.72 -19.21
N ILE B 16 3.98 -20.77 -19.32
CA ILE B 16 3.07 -21.31 -18.26
C ILE B 16 2.73 -22.77 -18.61
N THR B 17 2.90 -23.69 -17.65
CA THR B 17 2.59 -25.13 -17.83
C THR B 17 1.08 -25.33 -17.73
N MET B 18 0.43 -25.66 -18.84
CA MET B 18 -1.05 -25.79 -18.91
C MET B 18 -1.49 -27.11 -18.27
N ALA B 19 -2.80 -27.23 -18.03
CA ALA B 19 -3.47 -28.50 -17.65
C ALA B 19 -3.21 -29.52 -18.76
N ASP B 20 -3.34 -29.09 -20.02
CA ASP B 20 -3.21 -29.93 -21.25
C ASP B 20 -1.75 -30.30 -21.54
N LYS B 21 -0.82 -30.01 -20.62
CA LYS B 21 0.58 -30.51 -20.55
C LYS B 21 1.52 -29.69 -21.45
N GLN B 22 0.98 -28.96 -22.44
CA GLN B 22 1.78 -28.07 -23.34
C GLN B 22 2.07 -26.74 -22.63
N LYS B 23 3.06 -25.99 -23.12
CA LYS B 23 3.46 -24.66 -22.60
C LYS B 23 2.71 -23.58 -23.39
N LYS B 24 2.56 -22.40 -22.79
CA LYS B 24 1.85 -21.24 -23.41
C LYS B 24 2.43 -19.95 -22.81
N PHE B 25 2.66 -18.93 -23.65
CA PHE B 25 3.22 -17.63 -23.24
C PHE B 25 2.19 -16.93 -22.35
N ILE B 26 2.65 -16.30 -21.26
CA ILE B 26 1.75 -15.74 -20.20
C ILE B 26 0.82 -14.69 -20.82
N ASN B 27 1.28 -13.96 -21.85
CA ASN B 27 0.50 -12.88 -22.52
C ASN B 27 -0.64 -13.49 -23.36
N GLU B 28 -0.69 -14.82 -23.49
CA GLU B 28 -1.77 -15.57 -24.20
C GLU B 28 -2.80 -16.12 -23.21
N ILE B 29 -2.47 -16.23 -21.93
CA ILE B 29 -3.38 -16.79 -20.88
C ILE B 29 -4.67 -15.95 -20.88
N GLN B 30 -5.83 -16.63 -20.87
CA GLN B 30 -7.19 -16.04 -20.74
C GLN B 30 -7.84 -16.62 -19.49
N GLU B 31 -8.79 -15.88 -18.87
CA GLU B 31 -9.62 -16.42 -17.75
C GLU B 31 -10.22 -17.76 -18.21
N GLY B 32 -10.42 -18.69 -17.28
CA GLY B 32 -10.96 -20.04 -17.58
C GLY B 32 -9.86 -21.05 -17.84
N ASP B 33 -8.74 -20.64 -18.46
CA ASP B 33 -7.60 -21.53 -18.81
C ASP B 33 -7.19 -22.34 -17.58
N LEU B 34 -6.91 -23.63 -17.77
CA LEU B 34 -6.51 -24.56 -16.68
C LEU B 34 -5.00 -24.74 -16.73
N VAL B 35 -4.31 -24.52 -15.60
CA VAL B 35 -2.82 -24.62 -15.49
C VAL B 35 -2.48 -25.71 -14.47
N ARG B 36 -1.28 -26.29 -14.61
CA ARG B 36 -0.65 -27.18 -13.60
C ARG B 36 -0.32 -26.34 -12.36
N SER B 37 -0.89 -26.72 -11.21
CA SER B 37 -0.63 -26.12 -9.88
C SER B 37 -0.13 -27.23 -8.95
N TYR B 38 0.32 -26.87 -7.75
CA TYR B 38 0.85 -27.81 -6.72
C TYR B 38 0.22 -27.47 -5.37
N SER B 39 -0.19 -28.49 -4.62
CA SER B 39 -0.54 -28.40 -3.19
C SER B 39 0.70 -28.71 -2.35
N ILE B 40 1.32 -27.68 -1.75
CA ILE B 40 2.50 -27.83 -0.86
C ILE B 40 2.12 -28.82 0.26
N THR B 41 0.94 -28.62 0.86
CA THR B 41 0.34 -29.45 1.93
C THR B 41 0.18 -30.91 1.44
N ASP B 42 -0.67 -31.14 0.43
CA ASP B 42 -0.99 -32.50 -0.08
C ASP B 42 0.23 -33.12 -0.76
N GLU B 43 1.18 -32.28 -1.22
CA GLU B 43 2.41 -32.67 -1.97
C GLU B 43 2.00 -33.43 -3.24
N THR B 44 0.98 -32.93 -3.94
CA THR B 44 0.47 -33.48 -5.22
C THR B 44 0.17 -32.36 -6.20
N PHE B 45 0.15 -32.68 -7.50
CA PHE B 45 -0.15 -31.76 -8.62
C PHE B 45 -1.66 -31.76 -8.88
N GLN B 46 -2.19 -30.63 -9.35
CA GLN B 46 -3.64 -30.38 -9.51
C GLN B 46 -3.87 -29.43 -10.68
N GLN B 47 -5.07 -29.45 -11.26
CA GLN B 47 -5.50 -28.52 -12.34
C GLN B 47 -6.42 -27.48 -11.69
N ASN B 48 -6.18 -26.20 -11.99
CA ASN B 48 -6.94 -25.04 -11.45
C ASN B 48 -7.14 -24.03 -12.56
N ALA B 49 -8.24 -23.28 -12.51
CA ALA B 49 -8.59 -22.26 -13.52
C ALA B 49 -7.91 -20.94 -13.15
N VAL B 50 -7.52 -20.18 -14.18
CA VAL B 50 -7.08 -18.76 -14.06
C VAL B 50 -8.35 -17.92 -13.89
N THR B 51 -8.48 -17.20 -12.77
CA THR B 51 -9.69 -16.41 -12.39
C THR B 51 -9.47 -14.92 -12.67
N SER B 52 -8.23 -14.45 -12.79
CA SER B 52 -7.88 -13.02 -12.95
C SER B 52 -6.47 -12.84 -13.53
N ILE B 53 -6.33 -11.93 -14.49
CA ILE B 53 -5.05 -11.58 -15.17
C ILE B 53 -4.84 -10.06 -15.13
N VAL B 54 -3.86 -9.60 -14.36
CA VAL B 54 -3.40 -8.18 -14.29
C VAL B 54 -2.21 -8.01 -15.25
N LYS B 55 -2.21 -6.92 -16.01
CA LYS B 55 -1.12 -6.52 -16.94
C LYS B 55 -0.62 -5.14 -16.52
N HIS B 56 0.70 -4.93 -16.54
CA HIS B 56 1.39 -3.69 -16.11
C HIS B 56 2.65 -3.53 -16.97
N GLU B 57 3.53 -2.59 -16.60
CA GLU B 57 4.80 -2.26 -17.31
C GLU B 57 5.93 -2.21 -16.29
N ALA B 58 7.18 -2.42 -16.73
CA ALA B 58 8.40 -2.28 -15.91
C ALA B 58 9.65 -2.31 -16.78
N ASP B 59 10.70 -1.61 -16.35
CA ASP B 59 12.04 -1.57 -17.01
C ASP B 59 13.09 -2.18 -16.09
N GLN B 60 12.70 -2.59 -14.87
CA GLN B 60 13.60 -3.20 -13.85
C GLN B 60 13.12 -4.62 -13.56
N LEU B 61 13.90 -5.61 -13.98
CA LEU B 61 13.51 -7.03 -13.96
C LEU B 61 14.57 -7.83 -13.23
N CYS B 62 14.26 -9.10 -12.99
CA CYS B 62 15.09 -10.06 -12.24
C CYS B 62 15.21 -11.34 -13.08
N GLN B 63 16.44 -11.79 -13.36
CA GLN B 63 16.70 -13.06 -14.07
C GLN B 63 17.24 -14.08 -13.08
N ILE B 64 16.57 -15.24 -12.99
CA ILE B 64 16.99 -16.38 -12.13
C ILE B 64 17.33 -17.54 -13.06
N ASN B 65 18.58 -18.03 -12.98
CA ASN B 65 19.08 -19.19 -13.76
C ASN B 65 19.03 -20.44 -12.86
N PHE B 66 18.60 -21.56 -13.43
CA PHE B 66 18.59 -22.90 -12.79
C PHE B 66 18.90 -23.93 -13.89
N GLY B 67 20.05 -24.60 -13.78
CA GLY B 67 20.66 -25.36 -14.88
C GLY B 67 20.94 -24.46 -16.07
N LYS B 68 20.62 -24.93 -17.29
CA LYS B 68 20.69 -24.13 -18.54
C LYS B 68 19.28 -23.68 -18.91
N GLN B 69 18.55 -23.13 -17.94
CA GLN B 69 17.21 -22.50 -18.15
C GLN B 69 17.07 -21.35 -17.16
N HIS B 70 16.26 -20.35 -17.49
CA HIS B 70 16.08 -19.10 -16.71
C HIS B 70 14.60 -18.69 -16.68
N VAL B 71 14.25 -17.82 -15.73
CA VAL B 71 12.93 -17.15 -15.65
C VAL B 71 13.17 -15.65 -15.41
N VAL B 72 12.38 -14.79 -16.05
CA VAL B 72 12.49 -13.30 -15.96
C VAL B 72 11.17 -12.74 -15.41
N CYS B 73 11.25 -11.96 -14.32
CA CYS B 73 10.10 -11.46 -13.55
C CYS B 73 10.50 -10.23 -12.74
N THR B 74 9.55 -9.61 -12.04
CA THR B 74 9.80 -8.49 -11.09
C THR B 74 10.56 -9.06 -9.88
N VAL B 75 11.35 -8.21 -9.21
CA VAL B 75 12.27 -8.59 -8.10
C VAL B 75 11.46 -9.06 -6.89
N ASN B 76 10.15 -8.76 -6.83
CA ASN B 76 9.28 -9.11 -5.68
C ASN B 76 8.39 -10.31 -6.03
N HIS B 77 8.97 -11.29 -6.73
CA HIS B 77 8.38 -12.60 -7.07
C HIS B 77 8.16 -13.43 -5.80
N ARG B 78 7.65 -14.66 -5.95
CA ARG B 78 7.56 -15.67 -4.87
C ARG B 78 7.71 -17.07 -5.48
N PHE B 79 8.79 -17.77 -5.14
CA PHE B 79 9.10 -19.14 -5.63
C PHE B 79 9.22 -20.09 -4.42
N TYR B 80 8.78 -21.35 -4.60
CA TYR B 80 8.91 -22.40 -3.57
C TYR B 80 10.29 -23.04 -3.67
N ASP B 81 11.01 -23.06 -2.54
CA ASP B 81 12.27 -23.82 -2.34
C ASP B 81 11.93 -25.13 -1.63
N PRO B 82 11.84 -26.27 -2.36
CA PRO B 82 11.43 -27.53 -1.75
C PRO B 82 12.41 -28.06 -0.69
N GLU B 83 13.70 -27.77 -0.83
CA GLU B 83 14.75 -28.16 0.16
C GLU B 83 14.37 -27.56 1.52
N SER B 84 14.17 -26.24 1.57
CA SER B 84 13.90 -25.47 2.82
C SER B 84 12.43 -25.56 3.20
N LYS B 85 11.56 -25.89 2.23
CA LYS B 85 10.08 -25.94 2.39
C LYS B 85 9.57 -24.54 2.72
N LEU B 86 10.13 -23.50 2.08
CA LEU B 86 9.77 -22.07 2.29
C LEU B 86 9.53 -21.37 0.94
N TRP B 87 8.58 -20.42 0.92
CA TRP B 87 8.40 -19.45 -0.18
C TRP B 87 9.47 -18.36 -0.04
N LYS B 88 10.11 -17.98 -1.15
CA LYS B 88 11.29 -17.09 -1.16
C LYS B 88 11.13 -16.03 -2.27
N SER B 89 11.69 -14.85 -2.00
CA SER B 89 11.83 -13.71 -2.95
C SER B 89 13.26 -13.17 -2.83
N VAL B 90 13.80 -12.64 -3.92
CA VAL B 90 15.06 -11.87 -3.92
C VAL B 90 14.84 -10.64 -3.03
N CYS B 91 13.69 -9.97 -3.22
CA CYS B 91 13.28 -8.74 -2.50
C CYS B 91 11.96 -8.96 -1.78
N PRO B 92 11.96 -9.61 -0.60
CA PRO B 92 10.76 -9.72 0.22
C PRO B 92 10.47 -8.38 0.94
N HIS B 93 9.19 -8.06 1.16
CA HIS B 93 8.72 -6.97 2.06
C HIS B 93 8.93 -7.41 3.51
N PRO B 94 9.48 -6.55 4.39
CA PRO B 94 9.78 -6.93 5.77
C PRO B 94 8.69 -7.75 6.47
N GLY B 95 7.45 -7.29 6.39
CA GLY B 95 6.31 -7.87 7.13
C GLY B 95 5.90 -9.23 6.60
N SER B 96 6.22 -9.55 5.35
CA SER B 96 5.55 -10.61 4.54
C SER B 96 5.85 -12.02 5.08
N GLY B 97 6.85 -12.16 5.96
CA GLY B 97 7.30 -13.46 6.49
C GLY B 97 7.75 -14.38 5.37
N ILE B 98 8.27 -13.78 4.28
CA ILE B 98 8.90 -14.48 3.10
C ILE B 98 10.41 -14.40 3.27
N SER B 99 11.13 -15.47 2.90
CA SER B 99 12.59 -15.63 3.07
C SER B 99 13.32 -15.10 1.82
N PHE B 100 14.61 -14.80 1.94
CA PHE B 100 15.48 -14.36 0.82
C PHE B 100 15.72 -15.54 -0.12
N LEU B 101 15.44 -15.37 -1.40
CA LEU B 101 15.91 -16.27 -2.48
C LEU B 101 17.36 -15.91 -2.79
N LYS B 102 18.26 -16.91 -2.78
CA LYS B 102 19.73 -16.73 -2.95
C LYS B 102 20.28 -17.69 -4.00
N LYS B 103 21.51 -17.43 -4.44
CA LYS B 103 22.34 -18.36 -5.26
C LYS B 103 22.40 -19.71 -4.53
N TYR B 104 22.28 -20.82 -5.26
CA TYR B 104 22.45 -22.22 -4.76
C TYR B 104 21.26 -22.65 -3.90
N ASP B 105 20.24 -21.79 -3.74
CA ASP B 105 18.90 -22.20 -3.23
C ASP B 105 18.24 -23.08 -4.29
N TYR B 106 17.12 -23.71 -3.94
CA TYR B 106 16.44 -24.72 -4.80
C TYR B 106 15.06 -24.19 -5.22
N LEU B 107 14.63 -24.60 -6.41
CA LEU B 107 13.26 -24.39 -6.94
C LEU B 107 12.62 -25.76 -7.18
N LEU B 108 11.30 -25.81 -7.31
CA LEU B 108 10.55 -27.07 -7.55
C LEU B 108 10.13 -27.12 -9.03
N SER B 109 10.62 -28.12 -9.76
CA SER B 109 10.27 -28.37 -11.18
C SER B 109 8.81 -28.81 -11.27
N GLU B 110 8.19 -28.58 -12.43
CA GLU B 110 6.79 -28.99 -12.76
C GLU B 110 6.64 -30.51 -12.70
N GLU B 111 7.75 -31.26 -12.71
CA GLU B 111 7.78 -32.73 -12.53
C GLU B 111 8.29 -33.08 -11.12
N GLY B 112 8.30 -32.12 -10.20
CA GLY B 112 8.57 -32.35 -8.77
C GLY B 112 10.04 -32.60 -8.46
N GLU B 113 10.96 -32.22 -9.35
CA GLU B 113 12.43 -32.28 -9.12
C GLU B 113 12.87 -31.03 -8.36
N LYS B 114 13.93 -31.14 -7.56
CA LYS B 114 14.63 -29.99 -6.93
C LYS B 114 15.74 -29.50 -7.88
N LEU B 115 15.55 -28.33 -8.50
CA LEU B 115 16.55 -27.71 -9.41
C LEU B 115 17.30 -26.60 -8.66
N GLN B 116 18.63 -26.55 -8.79
CA GLN B 116 19.48 -25.58 -8.07
C GLN B 116 19.50 -24.24 -8.82
N ILE B 117 19.41 -23.14 -8.07
CA ILE B 117 19.60 -21.76 -8.61
C ILE B 117 21.10 -21.52 -8.77
N THR B 118 21.56 -21.35 -10.01
CA THR B 118 23.00 -21.20 -10.36
C THR B 118 23.40 -19.71 -10.37
N GLU B 119 22.54 -18.83 -10.91
CA GLU B 119 22.81 -17.37 -10.98
C GLU B 119 21.50 -16.57 -10.77
N ILE B 120 21.57 -15.49 -9.98
CA ILE B 120 20.51 -14.44 -9.84
C ILE B 120 21.13 -13.10 -10.27
N LYS B 121 20.52 -12.44 -11.26
CA LYS B 121 21.01 -11.17 -11.86
C LYS B 121 19.86 -10.15 -11.89
N THR B 122 20.15 -8.93 -11.46
CA THR B 122 19.22 -7.76 -11.51
C THR B 122 19.59 -6.94 -12.75
N PHE B 123 18.66 -6.78 -13.71
CA PHE B 123 18.94 -6.04 -14.98
C PHE B 123 17.80 -5.10 -15.36
N THR B 124 18.13 -4.18 -16.27
CA THR B 124 17.28 -3.07 -16.77
C THR B 124 16.98 -3.31 -18.26
N THR B 125 15.84 -2.86 -18.75
CA THR B 125 15.49 -2.74 -20.19
C THR B 125 15.57 -1.27 -20.59
N LYS B 126 15.87 -0.98 -21.85
CA LYS B 126 16.03 0.41 -22.35
C LYS B 126 14.68 1.13 -22.24
N GLN B 127 13.58 0.44 -22.52
CA GLN B 127 12.20 0.97 -22.32
C GLN B 127 11.30 -0.14 -21.77
N PRO B 128 10.21 0.22 -21.04
CA PRO B 128 9.43 -0.77 -20.32
C PRO B 128 8.90 -1.90 -21.20
N VAL B 129 8.73 -3.08 -20.60
CA VAL B 129 8.09 -4.28 -21.21
C VAL B 129 6.84 -4.61 -20.37
N PHE B 130 5.86 -5.26 -21.00
CA PHE B 130 4.61 -5.72 -20.37
C PHE B 130 4.95 -6.86 -19.40
N ILE B 131 4.44 -6.77 -18.17
CA ILE B 131 4.55 -7.84 -17.14
C ILE B 131 3.13 -8.30 -16.78
N TYR B 132 2.97 -9.59 -16.49
CA TYR B 132 1.65 -10.25 -16.29
C TYR B 132 1.59 -10.90 -14.92
N HIS B 133 0.52 -10.64 -14.17
CA HIS B 133 0.16 -11.34 -12.90
C HIS B 133 -1.09 -12.19 -13.15
N ILE B 134 -0.99 -13.51 -12.96
CA ILE B 134 -2.15 -14.46 -13.12
C ILE B 134 -2.53 -14.97 -11.74
N GLN B 135 -3.79 -14.82 -11.36
CA GLN B 135 -4.35 -15.47 -10.14
C GLN B 135 -4.88 -16.83 -10.56
N VAL B 136 -4.62 -17.84 -9.73
CA VAL B 136 -5.00 -19.27 -9.95
C VAL B 136 -5.84 -19.72 -8.75
N GLU B 137 -6.97 -20.38 -9.02
CA GLU B 137 -7.98 -20.71 -7.98
C GLU B 137 -7.41 -21.73 -6.98
N ASN B 138 -7.77 -21.54 -5.70
N ASN B 138 -7.83 -21.61 -5.71
CA ASN B 138 -7.61 -22.46 -4.53
CA ASN B 138 -7.64 -22.63 -4.63
C ASN B 138 -6.13 -22.78 -4.23
C ASN B 138 -6.15 -22.74 -4.25
N ASN B 139 -5.29 -23.06 -5.23
CA ASN B 139 -3.84 -23.33 -4.98
C ASN B 139 -3.03 -22.03 -5.04
N HIS B 140 -3.39 -21.09 -5.92
CA HIS B 140 -2.75 -19.75 -6.07
C HIS B 140 -1.27 -19.89 -6.46
N ASN B 141 -0.90 -20.92 -7.23
CA ASN B 141 0.49 -21.10 -7.74
C ASN B 141 0.44 -21.76 -9.12
N PHE B 142 1.51 -21.64 -9.89
CA PHE B 142 1.65 -22.17 -11.27
C PHE B 142 3.13 -22.43 -11.56
N PHE B 143 3.44 -22.90 -12.77
CA PHE B 143 4.82 -23.24 -13.21
C PHE B 143 5.25 -22.27 -14.32
N ALA B 144 6.21 -21.41 -13.98
CA ALA B 144 6.84 -20.42 -14.88
C ALA B 144 8.19 -20.98 -15.36
N ASN B 145 8.38 -21.09 -16.67
CA ASN B 145 9.56 -21.76 -17.28
C ASN B 145 9.89 -23.00 -16.42
N GLY B 146 8.84 -23.76 -16.07
CA GLY B 146 8.94 -25.09 -15.45
C GLY B 146 9.16 -25.09 -13.94
N VAL B 147 9.08 -23.94 -13.25
CA VAL B 147 9.32 -23.89 -11.78
C VAL B 147 8.14 -23.19 -11.08
N LEU B 148 7.93 -23.51 -9.80
CA LEU B 148 6.68 -23.22 -9.03
C LEU B 148 6.74 -21.80 -8.46
N ALA B 149 5.86 -20.93 -8.97
CA ALA B 149 5.70 -19.51 -8.59
C ALA B 149 4.33 -19.32 -7.94
N HIS B 150 4.26 -18.63 -6.80
CA HIS B 150 2.99 -18.22 -6.13
C HIS B 150 2.47 -16.95 -6.83
N ALA B 151 1.16 -16.68 -6.74
CA ALA B 151 0.52 -15.44 -7.24
C ALA B 151 -0.92 -15.34 -6.72
N MET B 152 -1.27 -14.18 -6.15
CA MET B 152 -2.53 -13.94 -5.40
C MET B 152 -2.72 -12.43 -5.20
N GLN B 153 -3.79 -11.85 -5.76
CA GLN B 153 -4.12 -10.41 -5.58
C GLN B 153 -5.00 -10.30 -4.33
N VAL B 154 -4.68 -9.37 -3.43
CA VAL B 154 -5.42 -9.10 -2.17
C VAL B 154 -5.40 -7.60 -1.89
N SER B 155 -6.43 -7.10 -1.20
CA SER B 155 -6.57 -5.70 -0.70
C SER B 155 -6.40 -5.69 0.82
N LEU C 1 3.77 -5.04 -8.50
CA LEU C 1 3.59 -5.75 -7.20
C LEU C 1 2.53 -5.03 -6.35
N ILE C 2 2.89 -3.91 -5.72
CA ILE C 2 1.93 -3.05 -4.96
C ILE C 2 1.35 -2.04 -5.94
N LEU C 3 0.04 -2.13 -6.17
CA LEU C 3 -0.68 -1.42 -7.26
C LEU C 3 -1.85 -0.62 -6.66
N ASN C 4 -1.80 0.71 -6.74
CA ASN C 4 -2.91 1.57 -6.29
C ASN C 4 -3.89 1.77 -7.45
N LEU C 5 -5.11 1.23 -7.32
CA LEU C 5 -6.22 1.46 -8.27
C LEU C 5 -6.90 2.78 -7.91
N ARG C 6 -6.22 3.90 -8.16
CA ARG C 6 -6.76 5.27 -8.05
C ARG C 6 -8.05 5.35 -8.90
N GLY C 7 -9.21 5.56 -8.26
CA GLY C 7 -10.52 5.66 -8.92
C GLY C 7 -11.48 4.55 -8.52
N GLY C 8 -11.04 3.60 -7.68
CA GLY C 8 -11.88 2.50 -7.16
C GLY C 8 -12.27 1.51 -8.26
N ALA C 9 -13.47 0.94 -8.18
CA ALA C 9 -13.99 -0.06 -9.14
C ALA C 9 -15.51 -0.06 -9.13
N PHE C 10 -16.15 -0.51 -10.22
CA PHE C 10 -17.62 -0.51 -10.44
C PHE C 10 -18.17 -1.94 -10.56
N VAL C 11 -19.42 -2.13 -10.14
CA VAL C 11 -20.15 -3.43 -10.23
C VAL C 11 -20.28 -3.81 -11.72
N SER C 12 -20.38 -5.12 -12.00
CA SER C 12 -20.28 -5.74 -13.35
C SER C 12 -21.31 -5.14 -14.32
N ASN C 13 -22.50 -4.75 -13.83
CA ASN C 13 -23.61 -4.24 -14.68
C ASN C 13 -23.55 -2.71 -14.84
N THR C 14 -22.52 -2.05 -14.30
CA THR C 14 -22.23 -0.62 -14.59
C THR C 14 -22.05 -0.50 -16.11
N GLN C 15 -22.60 0.57 -16.71
CA GLN C 15 -22.49 0.82 -18.17
C GLN C 15 -21.35 1.80 -18.46
N ILE C 16 -20.49 1.43 -19.41
CA ILE C 16 -19.39 2.29 -19.96
C ILE C 16 -19.86 2.86 -21.30
N THR C 17 -19.72 4.17 -21.47
CA THR C 17 -20.03 4.91 -22.72
C THR C 17 -18.87 4.76 -23.69
N MET C 18 -19.11 4.08 -24.81
CA MET C 18 -18.10 3.82 -25.87
C MET C 18 -17.96 5.07 -26.74
N ALA C 19 -16.89 5.17 -27.54
CA ALA C 19 -16.56 6.31 -28.42
C ALA C 19 -17.78 6.71 -29.29
N ASP C 20 -18.47 5.73 -29.89
CA ASP C 20 -19.65 5.96 -30.80
C ASP C 20 -20.95 6.15 -30.00
N LYS C 21 -20.84 6.37 -28.67
CA LYS C 21 -21.96 6.71 -27.75
C LYS C 21 -22.86 5.50 -27.47
N GLN C 22 -22.49 4.31 -27.97
CA GLN C 22 -23.09 3.02 -27.55
C GLN C 22 -22.67 2.71 -26.10
N LYS C 23 -23.39 1.82 -25.42
CA LYS C 23 -23.07 1.35 -24.05
C LYS C 23 -22.64 -0.12 -24.10
N LYS C 24 -21.71 -0.48 -23.21
CA LYS C 24 -21.28 -1.88 -22.95
C LYS C 24 -21.16 -2.04 -21.43
N PHE C 25 -21.59 -3.18 -20.88
CA PHE C 25 -21.40 -3.53 -19.46
C PHE C 25 -19.89 -3.62 -19.18
N ILE C 26 -19.44 -3.07 -18.05
CA ILE C 26 -17.99 -2.93 -17.74
C ILE C 26 -17.35 -4.32 -17.70
N ASN C 27 -18.13 -5.35 -17.31
CA ASN C 27 -17.64 -6.75 -17.19
C ASN C 27 -17.41 -7.37 -18.57
N GLU C 28 -17.74 -6.66 -19.66
CA GLU C 28 -17.52 -7.11 -21.07
C GLU C 28 -16.44 -6.27 -21.75
N ILE C 29 -16.06 -5.12 -21.17
CA ILE C 29 -15.01 -4.23 -21.76
C ILE C 29 -13.74 -5.07 -21.97
N GLN C 30 -13.01 -4.79 -23.05
CA GLN C 30 -11.76 -5.50 -23.43
C GLN C 30 -10.66 -4.48 -23.79
N GLU C 31 -9.40 -4.84 -23.53
CA GLU C 31 -8.21 -4.12 -24.02
C GLU C 31 -8.44 -3.72 -25.48
N GLY C 32 -8.33 -2.43 -25.79
CA GLY C 32 -8.44 -1.93 -27.17
C GLY C 32 -9.82 -1.38 -27.49
N ASP C 33 -10.84 -1.70 -26.67
CA ASP C 33 -12.19 -1.07 -26.78
C ASP C 33 -12.01 0.45 -26.70
N LEU C 34 -12.73 1.22 -27.52
CA LEU C 34 -12.68 2.70 -27.54
C LEU C 34 -13.82 3.25 -26.67
N VAL C 35 -13.50 4.13 -25.72
CA VAL C 35 -14.48 4.74 -24.79
C VAL C 35 -14.45 6.26 -24.94
N ARG C 36 -15.55 6.90 -24.54
CA ARG C 36 -15.70 8.38 -24.42
C ARG C 36 -14.96 8.85 -23.17
N SER C 37 -14.25 9.98 -23.30
CA SER C 37 -13.43 10.62 -22.23
C SER C 37 -13.66 12.13 -22.29
N TYR C 38 -13.18 12.84 -21.28
CA TYR C 38 -13.29 14.31 -21.15
C TYR C 38 -11.91 14.89 -20.81
N SER C 39 -11.51 15.96 -21.50
CA SER C 39 -10.40 16.85 -21.06
C SER C 39 -11.03 18.00 -20.28
N ILE C 40 -10.62 18.16 -19.01
CA ILE C 40 -11.17 19.19 -18.09
C ILE C 40 -10.65 20.57 -18.52
N THR C 41 -9.37 20.66 -18.92
CA THR C 41 -8.73 21.95 -19.34
C THR C 41 -9.28 22.38 -20.71
N ASP C 42 -9.32 21.46 -21.68
CA ASP C 42 -9.87 21.72 -23.04
C ASP C 42 -11.38 21.91 -22.94
N GLU C 43 -12.03 21.29 -21.93
CA GLU C 43 -13.51 21.20 -21.80
C GLU C 43 -14.08 20.67 -23.12
N THR C 44 -13.55 19.54 -23.59
CA THR C 44 -14.03 18.80 -24.79
C THR C 44 -13.99 17.29 -24.51
N PHE C 45 -14.72 16.53 -25.30
CA PHE C 45 -14.77 15.05 -25.26
C PHE C 45 -13.65 14.50 -26.15
N GLN C 46 -12.96 13.46 -25.70
CA GLN C 46 -11.93 12.73 -26.46
C GLN C 46 -12.35 11.26 -26.56
N GLN C 47 -11.72 10.50 -27.44
CA GLN C 47 -11.91 9.03 -27.52
C GLN C 47 -10.57 8.37 -27.23
N ASN C 48 -10.59 7.31 -26.41
CA ASN C 48 -9.38 6.66 -25.86
C ASN C 48 -9.61 5.14 -25.79
N ALA C 49 -8.52 4.37 -25.96
CA ALA C 49 -8.50 2.90 -25.77
C ALA C 49 -8.38 2.57 -24.28
N VAL C 50 -9.05 1.50 -23.85
CA VAL C 50 -8.81 0.82 -22.55
C VAL C 50 -7.53 -0.01 -22.72
N THR C 51 -6.53 0.22 -21.87
CA THR C 51 -5.19 -0.41 -21.94
C THR C 51 -5.12 -1.59 -20.97
N SER C 52 -6.00 -1.63 -19.96
CA SER C 52 -5.95 -2.61 -18.86
C SER C 52 -7.28 -2.64 -18.09
N ILE C 53 -7.76 -3.86 -17.79
CA ILE C 53 -8.90 -4.12 -16.87
C ILE C 53 -8.37 -4.96 -15.70
N VAL C 54 -8.58 -4.49 -14.47
CA VAL C 54 -8.33 -5.25 -13.23
C VAL C 54 -9.68 -5.61 -12.61
N LYS C 55 -9.93 -6.90 -12.43
CA LYS C 55 -11.14 -7.48 -11.82
C LYS C 55 -10.77 -7.95 -10.41
N HIS C 56 -11.46 -7.46 -9.40
CA HIS C 56 -11.35 -7.88 -7.97
C HIS C 56 -12.77 -8.19 -7.46
N GLU C 57 -12.99 -8.12 -6.15
CA GLU C 57 -14.29 -8.40 -5.49
C GLU C 57 -14.45 -7.51 -4.25
N ALA C 58 -15.69 -7.25 -3.83
CA ALA C 58 -15.99 -6.42 -2.64
C ALA C 58 -17.40 -6.73 -2.12
N ASP C 59 -17.58 -6.62 -0.80
CA ASP C 59 -18.89 -6.74 -0.10
C ASP C 59 -19.32 -5.35 0.42
N GLN C 60 -18.36 -4.46 0.71
CA GLN C 60 -18.60 -3.04 1.08
C GLN C 60 -18.68 -2.22 -0.22
N LEU C 61 -19.84 -1.64 -0.52
CA LEU C 61 -20.07 -0.87 -1.77
C LEU C 61 -20.76 0.46 -1.45
N CYS C 62 -20.86 1.31 -2.48
CA CYS C 62 -21.43 2.68 -2.41
C CYS C 62 -22.39 2.86 -3.59
N GLN C 63 -23.61 3.35 -3.35
CA GLN C 63 -24.58 3.74 -4.41
C GLN C 63 -24.75 5.26 -4.42
N ILE C 64 -24.60 5.88 -5.59
CA ILE C 64 -24.81 7.34 -5.78
C ILE C 64 -25.93 7.53 -6.80
N ASN C 65 -27.01 8.21 -6.39
CA ASN C 65 -28.17 8.52 -7.26
C ASN C 65 -28.03 9.95 -7.81
N PHE C 66 -28.42 10.15 -9.07
CA PHE C 66 -28.53 11.47 -9.73
C PHE C 66 -29.88 11.50 -10.47
N GLY C 67 -30.95 11.79 -9.70
CA GLY C 67 -32.35 11.54 -10.09
C GLY C 67 -32.65 10.04 -10.12
N LYS C 68 -33.21 9.55 -11.22
CA LYS C 68 -33.70 8.16 -11.39
C LYS C 68 -32.50 7.21 -11.55
N GLN C 69 -31.44 7.69 -12.21
CA GLN C 69 -30.21 6.92 -12.53
C GLN C 69 -29.32 6.83 -11.29
N HIS C 70 -28.57 5.74 -11.14
CA HIS C 70 -27.59 5.52 -10.05
C HIS C 70 -26.34 4.84 -10.61
N VAL C 71 -25.28 4.83 -9.81
CA VAL C 71 -24.02 4.10 -10.08
C VAL C 71 -23.58 3.44 -8.77
N VAL C 72 -23.16 2.17 -8.82
CA VAL C 72 -22.68 1.39 -7.63
C VAL C 72 -21.20 1.11 -7.83
N CYS C 73 -20.38 1.46 -6.83
CA CYS C 73 -18.91 1.41 -6.88
C CYS C 73 -18.34 1.25 -5.47
N THR C 74 -17.02 1.09 -5.34
CA THR C 74 -16.28 1.15 -4.07
C THR C 74 -16.20 2.60 -3.59
N VAL C 75 -16.00 2.80 -2.28
CA VAL C 75 -16.07 4.12 -1.57
C VAL C 75 -14.88 5.00 -1.95
N ASN C 76 -13.83 4.44 -2.56
CA ASN C 76 -12.58 5.17 -2.92
C ASN C 76 -12.59 5.57 -4.41
N HIS C 77 -13.79 5.69 -5.00
CA HIS C 77 -14.03 6.25 -6.35
C HIS C 77 -13.50 7.68 -6.48
N ARG C 78 -13.47 8.21 -7.71
CA ARG C 78 -13.23 9.64 -8.02
C ARG C 78 -14.17 10.09 -9.14
N PHE C 79 -15.07 11.01 -8.82
CA PHE C 79 -16.03 11.62 -9.78
C PHE C 79 -15.72 13.10 -9.92
N TYR C 80 -15.86 13.64 -11.12
CA TYR C 80 -15.68 15.09 -11.40
C TYR C 80 -16.97 15.84 -11.04
N ASP C 81 -16.85 16.81 -10.14
CA ASP C 81 -17.90 17.83 -9.84
C ASP C 81 -17.62 19.02 -10.73
N PRO C 82 -18.45 19.27 -11.77
CA PRO C 82 -18.21 20.36 -12.71
C PRO C 82 -18.67 21.74 -12.20
N GLU C 83 -19.38 21.79 -11.08
CA GLU C 83 -19.82 23.04 -10.42
C GLU C 83 -18.62 23.64 -9.67
N SER C 84 -17.97 22.85 -8.81
CA SER C 84 -16.81 23.27 -7.98
C SER C 84 -15.48 23.04 -8.72
N LYS C 85 -15.50 22.27 -9.81
CA LYS C 85 -14.31 22.01 -10.67
C LYS C 85 -13.28 21.18 -9.90
N LEU C 86 -13.75 20.18 -9.14
CA LEU C 86 -12.88 19.32 -8.29
C LEU C 86 -13.22 17.84 -8.50
N TRP C 87 -12.20 16.98 -8.50
CA TRP C 87 -12.35 15.52 -8.36
C TRP C 87 -12.72 15.22 -6.91
N LYS C 88 -13.68 14.34 -6.69
CA LYS C 88 -14.28 14.12 -5.35
C LYS C 88 -14.45 12.63 -5.07
N SER C 89 -14.55 12.29 -3.79
CA SER C 89 -14.80 10.92 -3.29
C SER C 89 -15.65 10.99 -2.02
N VAL C 90 -16.56 10.04 -1.84
CA VAL C 90 -17.29 9.80 -0.56
C VAL C 90 -16.22 9.57 0.53
N CYS C 91 -15.21 8.75 0.23
CA CYS C 91 -14.15 8.34 1.19
C CYS C 91 -12.76 8.62 0.63
N PRO C 92 -12.31 9.90 0.64
CA PRO C 92 -10.97 10.24 0.17
C PRO C 92 -9.90 9.85 1.21
N HIS C 93 -8.68 9.63 0.74
CA HIS C 93 -7.49 9.27 1.57
C HIS C 93 -6.87 10.56 2.12
N PRO C 94 -6.52 10.59 3.43
CA PRO C 94 -6.13 11.83 4.10
C PRO C 94 -5.16 12.78 3.37
N GLY C 95 -4.28 12.27 2.51
CA GLY C 95 -3.25 13.09 1.82
C GLY C 95 -3.38 13.10 0.31
N SER C 96 -4.54 12.70 -0.23
CA SER C 96 -4.80 12.49 -1.68
C SER C 96 -5.00 13.81 -2.43
N GLY C 97 -5.38 14.89 -1.74
CA GLY C 97 -5.77 16.16 -2.35
C GLY C 97 -7.12 16.03 -3.06
N ILE C 98 -8.03 15.25 -2.48
CA ILE C 98 -9.37 14.90 -3.04
C ILE C 98 -10.45 15.40 -2.06
N SER C 99 -11.37 16.24 -2.53
CA SER C 99 -12.50 16.79 -1.73
C SER C 99 -13.51 15.68 -1.44
N PHE C 100 -14.40 15.91 -0.46
CA PHE C 100 -15.54 15.03 -0.10
C PHE C 100 -16.68 15.19 -1.11
N LEU C 101 -17.30 14.09 -1.49
CA LEU C 101 -18.54 14.04 -2.32
C LEU C 101 -19.73 13.87 -1.36
N LYS C 102 -20.75 14.73 -1.51
CA LYS C 102 -21.95 14.78 -0.62
C LYS C 102 -23.23 15.00 -1.44
N LYS C 103 -24.39 14.76 -0.82
CA LYS C 103 -25.72 15.13 -1.37
C LYS C 103 -25.62 16.54 -1.96
N TYR C 104 -26.21 16.75 -3.13
CA TYR C 104 -26.44 18.08 -3.77
C TYR C 104 -25.13 18.66 -4.30
N ASP C 105 -24.07 17.85 -4.37
CA ASP C 105 -22.90 18.11 -5.25
C ASP C 105 -23.31 17.69 -6.67
N TYR C 106 -22.48 17.98 -7.68
CA TYR C 106 -22.80 17.74 -9.11
C TYR C 106 -21.85 16.70 -9.70
N LEU C 107 -22.29 16.12 -10.82
CA LEU C 107 -21.50 15.22 -11.69
C LEU C 107 -21.59 15.75 -13.12
N LEU C 108 -20.71 15.29 -14.00
CA LEU C 108 -20.69 15.68 -15.43
C LEU C 108 -21.25 14.52 -16.27
N SER C 109 -22.38 14.73 -16.94
CA SER C 109 -22.99 13.77 -17.91
C SER C 109 -22.05 13.58 -19.09
N GLU C 110 -22.18 12.45 -19.78
CA GLU C 110 -21.51 12.13 -21.08
C GLU C 110 -21.92 13.11 -22.19
N GLU C 111 -22.86 14.04 -21.95
CA GLU C 111 -23.27 15.08 -22.94
C GLU C 111 -22.87 16.48 -22.43
N GLY C 112 -22.18 16.56 -21.29
CA GLY C 112 -21.56 17.79 -20.79
C GLY C 112 -22.47 18.63 -19.92
N GLU C 113 -23.52 18.03 -19.33
CA GLU C 113 -24.45 18.73 -18.40
C GLU C 113 -24.12 18.38 -16.94
N LYS C 114 -24.30 19.36 -16.06
CA LYS C 114 -24.36 19.17 -14.59
C LYS C 114 -25.55 18.24 -14.29
N LEU C 115 -25.31 17.20 -13.49
CA LEU C 115 -26.32 16.26 -12.95
C LEU C 115 -26.17 16.26 -11.42
N GLN C 116 -27.21 16.72 -10.70
CA GLN C 116 -27.18 16.86 -9.23
C GLN C 116 -27.27 15.47 -8.58
N ILE C 117 -26.40 15.20 -7.60
CA ILE C 117 -26.46 13.97 -6.73
C ILE C 117 -27.64 14.16 -5.77
N THR C 118 -28.59 13.22 -5.78
CA THR C 118 -29.83 13.27 -4.96
C THR C 118 -29.73 12.33 -3.75
N GLU C 119 -28.80 11.36 -3.74
CA GLU C 119 -28.68 10.39 -2.61
C GLU C 119 -27.34 9.63 -2.67
N ILE C 120 -26.73 9.40 -1.50
CA ILE C 120 -25.50 8.59 -1.29
C ILE C 120 -25.75 7.59 -0.16
N LYS C 121 -25.82 6.30 -0.49
CA LYS C 121 -25.99 5.16 0.45
C LYS C 121 -24.67 4.38 0.54
N THR C 122 -24.39 3.77 1.70
CA THR C 122 -23.28 2.78 1.92
C THR C 122 -23.90 1.47 2.41
N PHE C 123 -23.72 0.37 1.67
CA PHE C 123 -24.34 -0.94 1.98
C PHE C 123 -23.33 -2.09 1.85
N THR C 124 -23.27 -2.92 2.87
CA THR C 124 -22.70 -4.30 2.86
C THR C 124 -23.60 -5.18 1.99
N THR C 125 -23.01 -6.16 1.30
CA THR C 125 -23.70 -7.32 0.66
C THR C 125 -23.18 -8.59 1.34
N LYS C 126 -23.94 -9.69 1.30
CA LYS C 126 -23.66 -10.87 2.16
C LYS C 126 -22.53 -11.71 1.54
N GLN C 127 -22.53 -11.89 0.22
CA GLN C 127 -21.41 -12.53 -0.52
C GLN C 127 -20.72 -11.47 -1.40
N PRO C 128 -19.37 -11.46 -1.46
CA PRO C 128 -18.65 -10.51 -2.30
C PRO C 128 -19.13 -10.59 -3.77
N VAL C 129 -19.18 -9.44 -4.45
CA VAL C 129 -19.54 -9.35 -5.90
C VAL C 129 -18.29 -8.91 -6.67
N PHE C 130 -18.23 -9.21 -7.97
CA PHE C 130 -17.14 -8.79 -8.88
C PHE C 130 -17.17 -7.26 -9.02
N ILE C 131 -15.99 -6.64 -9.08
CA ILE C 131 -15.83 -5.19 -9.33
C ILE C 131 -14.68 -5.02 -10.32
N TYR C 132 -14.73 -3.96 -11.13
CA TYR C 132 -13.89 -3.77 -12.33
C TYR C 132 -13.31 -2.35 -12.33
N HIS C 133 -11.99 -2.26 -12.30
CA HIS C 133 -11.21 -1.03 -12.56
C HIS C 133 -10.74 -1.10 -14.01
N ILE C 134 -10.89 -0.03 -14.78
CA ILE C 134 -10.41 0.03 -16.19
C ILE C 134 -9.44 1.20 -16.32
N GLN C 135 -8.38 0.99 -17.11
CA GLN C 135 -7.32 1.98 -17.41
C GLN C 135 -7.60 2.55 -18.80
N VAL C 136 -7.88 3.84 -18.88
CA VAL C 136 -8.12 4.57 -20.15
C VAL C 136 -6.88 5.45 -20.42
N GLU C 137 -6.33 5.37 -21.63
CA GLU C 137 -5.09 6.10 -22.02
C GLU C 137 -5.40 7.60 -22.12
N ASN C 138 -4.40 8.44 -21.82
CA ASN C 138 -4.37 9.91 -22.06
C ASN C 138 -5.17 10.67 -20.99
N ASN C 139 -6.49 10.46 -20.90
CA ASN C 139 -7.37 11.22 -19.97
C ASN C 139 -7.61 10.46 -18.64
N HIS C 140 -7.36 9.14 -18.61
CA HIS C 140 -7.55 8.28 -17.41
C HIS C 140 -8.93 8.53 -16.80
N ASN C 141 -9.95 8.72 -17.64
CA ASN C 141 -11.35 8.86 -17.18
C ASN C 141 -12.31 8.33 -18.25
N PHE C 142 -13.56 8.13 -17.86
CA PHE C 142 -14.62 7.52 -18.70
C PHE C 142 -15.99 7.81 -18.07
N PHE C 143 -17.04 7.43 -18.79
CA PHE C 143 -18.44 7.64 -18.36
C PHE C 143 -19.00 6.30 -17.85
N ALA C 144 -19.40 6.29 -16.58
CA ALA C 144 -19.97 5.16 -15.83
C ALA C 144 -21.43 5.50 -15.54
N ASN C 145 -22.36 4.77 -16.17
CA ASN C 145 -23.81 5.10 -16.19
C ASN C 145 -23.97 6.59 -16.45
N GLY C 146 -23.22 7.12 -17.42
CA GLY C 146 -23.38 8.48 -17.98
C GLY C 146 -22.72 9.61 -17.18
N VAL C 147 -21.87 9.32 -16.18
CA VAL C 147 -21.18 10.37 -15.38
C VAL C 147 -19.66 10.13 -15.36
N LEU C 148 -18.88 11.22 -15.31
CA LEU C 148 -17.41 11.22 -15.47
C LEU C 148 -16.73 10.63 -14.22
N ALA C 149 -15.98 9.55 -14.43
CA ALA C 149 -15.19 8.84 -13.39
C ALA C 149 -13.72 8.78 -13.83
N HIS C 150 -12.82 9.03 -12.88
CA HIS C 150 -11.33 8.86 -13.03
C HIS C 150 -10.98 7.42 -12.69
N ALA C 151 -9.89 6.89 -13.28
CA ALA C 151 -9.31 5.57 -12.93
C ALA C 151 -7.88 5.49 -13.42
N MET C 152 -6.96 5.04 -12.57
CA MET C 152 -5.51 4.95 -12.89
C MET C 152 -4.87 3.82 -12.06
N GLN C 153 -4.06 3.01 -12.75
CA GLN C 153 -3.32 1.84 -12.23
C GLN C 153 -1.87 2.28 -11.96
N VAL C 154 -1.55 2.61 -10.71
CA VAL C 154 -0.23 3.21 -10.31
C VAL C 154 0.48 2.30 -9.29
N SER C 155 1.79 2.14 -9.45
CA SER C 155 2.69 1.49 -8.46
C SER C 155 3.06 2.48 -7.35
N ILE C 156 3.43 1.98 -6.18
CA ILE C 156 3.80 2.80 -4.98
C ILE C 156 5.32 2.66 -4.76
N LEU D 1 9.52 0.81 3.80
CA LEU D 1 8.40 -0.19 3.83
C LEU D 1 7.05 0.52 3.69
N ILE D 2 5.96 -0.24 3.55
CA ILE D 2 4.55 0.25 3.50
C ILE D 2 3.89 -0.11 4.83
N LEU D 3 3.45 0.89 5.61
CA LEU D 3 2.70 0.70 6.87
C LEU D 3 1.21 0.99 6.65
N ASN D 4 0.36 0.17 7.28
CA ASN D 4 -1.10 0.36 7.34
C ASN D 4 -1.43 0.80 8.77
N LEU D 5 -1.58 2.12 9.00
CA LEU D 5 -1.89 2.70 10.33
C LEU D 5 -3.38 2.49 10.60
N ARG D 6 -3.82 1.22 10.68
CA ARG D 6 -5.25 0.84 10.58
C ARG D 6 -5.93 1.08 11.92
N GLY D 7 -7.18 1.58 11.88
CA GLY D 7 -7.86 2.25 13.00
C GLY D 7 -7.60 3.75 12.99
N GLY D 8 -6.81 4.22 12.01
CA GLY D 8 -6.60 5.65 11.71
C GLY D 8 -5.90 6.39 12.84
N ALA D 9 -5.89 7.71 12.77
CA ALA D 9 -5.12 8.62 13.65
C ALA D 9 -6.05 9.68 14.26
N PHE D 10 -5.72 10.17 15.45
CA PHE D 10 -6.50 11.14 16.26
C PHE D 10 -5.73 12.46 16.37
N VAL D 11 -6.46 13.58 16.47
CA VAL D 11 -5.90 14.96 16.60
C VAL D 11 -5.24 15.09 17.99
N SER D 12 -4.19 15.93 18.08
CA SER D 12 -3.31 16.08 19.26
C SER D 12 -4.14 16.22 20.55
N ASN D 13 -5.29 16.90 20.46
CA ASN D 13 -6.14 17.30 21.60
C ASN D 13 -7.03 16.13 22.06
N THR D 14 -6.92 14.95 21.44
CA THR D 14 -7.69 13.73 21.81
C THR D 14 -7.14 13.16 23.12
N GLN D 15 -8.03 12.77 24.05
CA GLN D 15 -7.65 12.27 25.41
C GLN D 15 -7.64 10.73 25.43
N ILE D 16 -6.52 10.14 25.85
CA ILE D 16 -6.36 8.67 26.11
C ILE D 16 -6.51 8.44 27.62
N THR D 17 -7.31 7.46 28.02
CA THR D 17 -7.55 7.09 29.44
C THR D 17 -6.57 5.98 29.83
N MET D 18 -5.89 6.15 30.97
CA MET D 18 -4.81 5.25 31.44
C MET D 18 -5.40 4.08 32.24
N ALA D 19 -4.55 3.12 32.59
CA ALA D 19 -4.88 1.95 33.45
C ALA D 19 -5.47 2.43 34.78
N ASP D 20 -5.04 3.61 35.25
CA ASP D 20 -5.55 4.29 36.48
C ASP D 20 -6.64 5.30 36.12
N LYS D 21 -7.41 5.03 35.05
CA LYS D 21 -8.61 5.81 34.62
C LYS D 21 -8.33 7.32 34.64
N GLN D 22 -7.06 7.72 34.58
CA GLN D 22 -6.64 9.15 34.42
C GLN D 22 -6.63 9.45 32.92
N LYS D 23 -6.56 10.72 32.52
CA LYS D 23 -6.62 11.16 31.10
C LYS D 23 -5.38 11.97 30.74
N LYS D 24 -4.75 11.66 29.60
CA LYS D 24 -3.64 12.44 29.01
C LYS D 24 -3.89 12.64 27.51
N PHE D 25 -3.51 13.81 26.98
CA PHE D 25 -3.66 14.19 25.56
C PHE D 25 -2.73 13.29 24.73
N ILE D 26 -3.21 12.77 23.60
CA ILE D 26 -2.55 11.69 22.82
C ILE D 26 -1.13 12.12 22.44
N ASN D 27 -0.88 13.43 22.28
CA ASN D 27 0.43 13.97 21.85
C ASN D 27 1.40 14.02 23.04
N GLU D 28 0.95 13.66 24.25
CA GLU D 28 1.78 13.54 25.47
C GLU D 28 1.85 12.06 25.91
N ILE D 29 1.41 11.13 25.06
CA ILE D 29 1.58 9.66 25.26
C ILE D 29 3.02 9.30 24.92
N GLN D 30 3.57 8.28 25.57
CA GLN D 30 4.99 7.83 25.38
C GLN D 30 5.04 6.30 25.43
N GLU D 31 6.03 5.71 24.74
CA GLU D 31 6.26 4.24 24.67
C GLU D 31 6.30 3.69 26.09
N GLY D 32 5.42 2.72 26.40
CA GLY D 32 5.38 2.03 27.70
C GLY D 32 4.37 2.61 28.67
N ASP D 33 3.80 3.80 28.39
CA ASP D 33 2.65 4.34 29.15
C ASP D 33 1.60 3.22 29.22
N LEU D 34 0.88 3.09 30.34
CA LEU D 34 -0.13 2.01 30.57
C LEU D 34 -1.55 2.58 30.42
N VAL D 35 -2.29 2.07 29.43
CA VAL D 35 -3.63 2.60 29.01
C VAL D 35 -4.69 1.52 29.21
N ARG D 36 -5.93 1.96 29.44
CA ARG D 36 -7.13 1.09 29.57
C ARG D 36 -7.46 0.50 28.21
N SER D 37 -7.47 -0.83 28.11
CA SER D 37 -7.83 -1.61 26.89
C SER D 37 -9.02 -2.51 27.20
N TYR D 38 -9.51 -3.26 26.22
CA TYR D 38 -10.71 -4.12 26.34
C TYR D 38 -10.50 -5.43 25.57
N SER D 39 -10.69 -6.56 26.25
CA SER D 39 -10.87 -7.90 25.63
C SER D 39 -12.31 -8.02 25.12
N ILE D 40 -12.48 -8.19 23.81
CA ILE D 40 -13.80 -8.38 23.16
C ILE D 40 -14.38 -9.72 23.67
N THR D 41 -13.63 -10.80 23.46
CA THR D 41 -14.02 -12.20 23.78
C THR D 41 -14.29 -12.34 25.29
N ASP D 42 -13.28 -12.09 26.13
CA ASP D 42 -13.31 -12.32 27.59
C ASP D 42 -14.21 -11.28 28.26
N GLU D 43 -14.60 -10.22 27.53
CA GLU D 43 -15.66 -9.24 27.93
C GLU D 43 -15.20 -8.44 29.15
N THR D 44 -13.89 -8.25 29.31
CA THR D 44 -13.27 -7.65 30.53
C THR D 44 -12.21 -6.62 30.13
N PHE D 45 -12.08 -5.56 30.92
CA PHE D 45 -11.04 -4.50 30.78
C PHE D 45 -9.71 -5.07 31.25
N GLN D 46 -8.61 -4.38 30.94
CA GLN D 46 -7.24 -4.75 31.37
C GLN D 46 -6.24 -3.72 30.84
N GLN D 47 -5.25 -3.39 31.66
CA GLN D 47 -4.10 -2.52 31.30
C GLN D 47 -3.25 -3.23 30.22
N ASN D 48 -2.69 -2.47 29.29
CA ASN D 48 -1.71 -2.96 28.28
C ASN D 48 -0.75 -1.82 27.95
N ALA D 49 0.32 -2.11 27.20
CA ALA D 49 1.49 -1.22 26.97
C ALA D 49 1.42 -0.60 25.57
N VAL D 50 1.67 0.71 25.49
CA VAL D 50 1.85 1.42 24.19
C VAL D 50 3.25 1.06 23.65
N THR D 51 3.29 0.37 22.52
CA THR D 51 4.54 -0.07 21.84
C THR D 51 5.11 1.09 21.02
N SER D 52 4.28 1.63 20.11
CA SER D 52 4.66 2.57 19.03
C SER D 52 3.72 3.78 19.01
N ILE D 53 4.25 4.97 18.71
CA ILE D 53 3.47 6.19 18.34
C ILE D 53 3.95 6.64 16.96
N VAL D 54 3.02 6.91 16.05
CA VAL D 54 3.30 7.52 14.72
C VAL D 54 2.57 8.86 14.62
N LYS D 55 3.34 9.92 14.36
CA LYS D 55 2.86 11.31 14.15
C LYS D 55 2.81 11.58 12.64
N HIS D 56 1.63 11.90 12.12
CA HIS D 56 1.42 12.40 10.74
C HIS D 56 0.70 13.76 10.82
N GLU D 57 0.36 14.35 9.67
CA GLU D 57 -0.56 15.51 9.59
C GLU D 57 -1.58 15.28 8.47
N ALA D 58 -2.75 15.91 8.61
CA ALA D 58 -3.86 15.88 7.63
C ALA D 58 -4.69 17.15 7.78
N ASP D 59 -5.29 17.63 6.69
CA ASP D 59 -6.22 18.79 6.64
C ASP D 59 -7.66 18.30 6.49
N GLN D 60 -7.86 16.98 6.31
CA GLN D 60 -9.19 16.35 6.02
C GLN D 60 -9.51 15.32 7.10
N LEU D 61 -10.47 15.63 7.97
CA LEU D 61 -10.77 14.84 9.18
C LEU D 61 -12.28 14.57 9.26
N CYS D 62 -12.69 13.89 10.32
CA CYS D 62 -14.05 13.36 10.56
C CYS D 62 -14.41 13.61 12.02
N GLN D 63 -15.48 14.35 12.31
CA GLN D 63 -15.98 14.53 13.69
C GLN D 63 -17.14 13.56 13.93
N ILE D 64 -17.12 12.88 15.06
CA ILE D 64 -18.22 11.99 15.53
C ILE D 64 -18.67 12.49 16.90
N ASN D 65 -19.96 12.73 17.06
CA ASN D 65 -20.61 13.17 18.32
C ASN D 65 -21.32 11.96 18.93
N PHE D 66 -21.34 11.85 20.26
CA PHE D 66 -22.06 10.79 21.01
C PHE D 66 -22.61 11.40 22.31
N GLY D 67 -23.58 12.29 22.14
CA GLY D 67 -24.05 13.24 23.17
C GLY D 67 -23.38 14.58 22.98
N LYS D 68 -22.99 15.24 24.07
CA LYS D 68 -22.24 16.53 24.03
C LYS D 68 -20.78 16.21 23.68
N GLN D 69 -20.29 15.06 24.16
CA GLN D 69 -18.91 14.55 23.94
C GLN D 69 -18.73 14.16 22.47
N HIS D 70 -17.56 14.42 21.91
CA HIS D 70 -17.20 14.17 20.49
C HIS D 70 -15.75 13.63 20.39
N VAL D 71 -15.29 13.36 19.17
CA VAL D 71 -13.90 12.91 18.85
C VAL D 71 -13.61 13.22 17.37
N VAL D 72 -12.38 13.63 17.08
CA VAL D 72 -11.95 14.07 15.71
C VAL D 72 -10.76 13.20 15.29
N CYS D 73 -10.85 12.57 14.11
CA CYS D 73 -9.87 11.58 13.61
C CYS D 73 -9.95 11.51 12.09
N THR D 74 -9.18 10.60 11.49
CA THR D 74 -9.23 10.31 10.05
C THR D 74 -10.50 9.49 9.77
N VAL D 75 -10.89 9.42 8.50
CA VAL D 75 -12.16 8.78 8.04
C VAL D 75 -12.02 7.25 8.12
N ASN D 76 -10.79 6.74 8.13
CA ASN D 76 -10.46 5.30 8.21
C ASN D 76 -10.20 4.86 9.66
N HIS D 77 -10.86 5.50 10.63
CA HIS D 77 -10.95 5.04 12.05
C HIS D 77 -11.59 3.66 12.11
N ARG D 78 -11.44 2.96 13.25
CA ARG D 78 -12.18 1.72 13.58
C ARG D 78 -12.66 1.80 15.03
N PHE D 79 -13.99 1.82 15.23
CA PHE D 79 -14.65 1.87 16.56
C PHE D 79 -15.52 0.61 16.74
N TYR D 80 -15.78 0.23 17.99
CA TYR D 80 -16.59 -0.96 18.35
C TYR D 80 -18.04 -0.54 18.63
N ASP D 81 -19.00 -1.14 17.92
CA ASP D 81 -20.45 -1.10 18.24
C ASP D 81 -20.77 -2.33 19.10
N PRO D 82 -20.90 -2.17 20.44
CA PRO D 82 -21.15 -3.31 21.33
C PRO D 82 -22.57 -3.88 21.21
N GLU D 83 -23.57 -3.07 20.85
CA GLU D 83 -24.95 -3.52 20.55
C GLU D 83 -24.96 -4.36 19.27
N SER D 84 -24.20 -3.94 18.24
CA SER D 84 -24.06 -4.64 16.94
C SER D 84 -22.98 -5.72 17.04
N LYS D 85 -22.02 -5.55 17.97
CA LYS D 85 -20.85 -6.45 18.19
C LYS D 85 -20.02 -6.51 16.91
N LEU D 86 -19.81 -5.36 16.25
CA LEU D 86 -19.00 -5.24 15.00
C LEU D 86 -18.03 -4.06 15.14
N TRP D 87 -16.82 -4.23 14.61
CA TRP D 87 -15.89 -3.10 14.32
C TRP D 87 -16.40 -2.33 13.11
N LYS D 88 -16.47 -1.00 13.21
CA LYS D 88 -17.14 -0.14 12.20
C LYS D 88 -16.27 1.08 11.88
N SER D 89 -16.43 1.59 10.66
CA SER D 89 -15.78 2.81 10.13
C SER D 89 -16.79 3.60 9.29
N VAL D 90 -16.67 4.92 9.25
CA VAL D 90 -17.34 5.79 8.23
C VAL D 90 -16.85 5.33 6.85
N CYS D 91 -15.54 5.12 6.71
CA CYS D 91 -14.85 4.73 5.44
C CYS D 91 -13.98 3.49 5.65
N PRO D 92 -14.55 2.27 5.56
CA PRO D 92 -13.77 1.04 5.64
C PRO D 92 -13.10 0.68 4.32
N HIS D 93 -11.81 0.28 4.35
CA HIS D 93 -11.05 -0.21 3.16
C HIS D 93 -11.72 -1.46 2.62
N PRO D 94 -11.98 -1.55 1.30
CA PRO D 94 -12.48 -2.78 0.68
C PRO D 94 -11.72 -4.03 1.14
N GLY D 95 -12.45 -5.06 1.57
CA GLY D 95 -11.88 -6.35 2.03
C GLY D 95 -11.08 -6.20 3.31
N SER D 96 -11.68 -5.61 4.35
CA SER D 96 -11.15 -5.57 5.74
C SER D 96 -12.11 -6.28 6.70
N GLY D 97 -13.37 -6.51 6.28
CA GLY D 97 -14.42 -7.13 7.11
C GLY D 97 -15.04 -6.15 8.11
N ILE D 98 -14.76 -4.84 7.96
CA ILE D 98 -15.27 -3.76 8.85
C ILE D 98 -16.59 -3.22 8.27
N SER D 99 -17.64 -3.15 9.10
CA SER D 99 -18.98 -2.64 8.72
C SER D 99 -18.93 -1.12 8.62
N PHE D 100 -19.94 -0.53 7.99
CA PHE D 100 -20.13 0.94 7.85
C PHE D 100 -20.65 1.51 9.16
N LEU D 101 -19.95 2.52 9.69
CA LEU D 101 -20.37 3.28 10.89
C LEU D 101 -21.33 4.38 10.45
N LYS D 102 -22.51 4.44 11.08
CA LYS D 102 -23.62 5.37 10.72
C LYS D 102 -24.06 6.16 11.95
N LYS D 103 -24.59 7.36 11.70
CA LYS D 103 -25.43 8.15 12.64
C LYS D 103 -26.35 7.21 13.43
N TYR D 104 -26.39 7.38 14.76
CA TYR D 104 -27.26 6.65 15.73
C TYR D 104 -26.82 5.19 15.90
N ASP D 105 -25.62 4.83 15.43
CA ASP D 105 -24.96 3.56 15.84
C ASP D 105 -24.46 3.76 17.28
N TYR D 106 -23.93 2.70 17.88
CA TYR D 106 -23.46 2.70 19.30
C TYR D 106 -21.93 2.56 19.34
N LEU D 107 -21.33 3.21 20.35
CA LEU D 107 -19.91 3.09 20.75
C LEU D 107 -19.86 2.52 22.17
N LEU D 108 -18.75 1.90 22.56
CA LEU D 108 -18.55 1.33 23.92
C LEU D 108 -17.70 2.31 24.75
N SER D 109 -18.25 2.79 25.87
CA SER D 109 -17.60 3.77 26.78
C SER D 109 -16.51 3.08 27.60
N GLU D 110 -15.61 3.86 28.20
CA GLU D 110 -14.50 3.36 29.05
C GLU D 110 -15.04 2.81 30.38
N GLU D 111 -16.33 3.02 30.68
CA GLU D 111 -17.05 2.37 31.81
C GLU D 111 -17.93 1.24 31.26
N GLY D 112 -17.69 0.81 30.01
CA GLY D 112 -18.36 -0.34 29.37
C GLY D 112 -19.84 -0.10 29.14
N GLU D 113 -20.27 1.17 29.03
CA GLU D 113 -21.68 1.57 28.80
C GLU D 113 -21.86 1.95 27.33
N LYS D 114 -22.98 1.55 26.72
CA LYS D 114 -23.31 1.81 25.29
C LYS D 114 -23.66 3.29 25.13
N LEU D 115 -22.98 4.00 24.20
CA LEU D 115 -23.22 5.43 23.88
C LEU D 115 -23.72 5.55 22.43
N GLN D 116 -24.76 6.38 22.20
CA GLN D 116 -25.41 6.55 20.88
C GLN D 116 -24.75 7.72 20.14
N ILE D 117 -24.27 7.47 18.91
CA ILE D 117 -23.72 8.53 18.02
C ILE D 117 -24.86 9.49 17.64
N THR D 118 -24.68 10.79 17.87
CA THR D 118 -25.69 11.86 17.69
C THR D 118 -25.49 12.51 16.32
N GLU D 119 -24.26 12.59 15.83
CA GLU D 119 -23.92 13.22 14.53
C GLU D 119 -22.58 12.69 14.03
N ILE D 120 -22.40 12.72 12.71
CA ILE D 120 -21.14 12.37 11.99
C ILE D 120 -21.01 13.38 10.85
N LYS D 121 -19.94 14.18 10.84
CA LYS D 121 -19.72 15.21 9.80
C LYS D 121 -18.27 15.15 9.31
N THR D 122 -18.04 15.59 8.08
CA THR D 122 -16.69 15.85 7.52
C THR D 122 -16.21 17.18 8.08
N PHE D 123 -14.93 17.48 7.91
CA PHE D 123 -14.25 18.60 8.58
C PHE D 123 -12.90 18.80 7.90
N THR D 124 -12.74 19.94 7.22
CA THR D 124 -11.45 20.40 6.63
C THR D 124 -10.88 21.48 7.54
N THR D 125 -9.55 21.62 7.56
CA THR D 125 -8.81 22.69 8.28
C THR D 125 -8.05 23.52 7.24
N LYS D 126 -7.93 24.83 7.49
CA LYS D 126 -7.29 25.82 6.57
C LYS D 126 -5.93 25.27 6.12
N GLN D 127 -5.09 24.86 7.08
CA GLN D 127 -3.80 24.16 6.84
C GLN D 127 -3.81 22.83 7.61
N PRO D 128 -2.87 21.90 7.30
CA PRO D 128 -2.84 20.60 7.98
C PRO D 128 -2.57 20.70 9.48
N VAL D 129 -3.13 19.77 10.26
CA VAL D 129 -2.92 19.65 11.74
C VAL D 129 -2.33 18.26 12.05
N PHE D 130 -1.64 18.13 13.18
CA PHE D 130 -0.99 16.86 13.62
C PHE D 130 -2.07 15.82 13.90
N ILE D 131 -1.77 14.55 13.65
CA ILE D 131 -2.61 13.38 14.01
C ILE D 131 -1.68 12.28 14.56
N TYR D 132 -2.22 11.40 15.40
CA TYR D 132 -1.43 10.37 16.14
C TYR D 132 -2.12 9.01 16.04
N HIS D 133 -1.34 7.99 15.70
CA HIS D 133 -1.69 6.54 15.78
C HIS D 133 -0.83 5.90 16.88
N ILE D 134 -1.46 5.32 17.90
CA ILE D 134 -0.75 4.60 18.99
C ILE D 134 -1.04 3.10 18.85
N GLN D 135 -0.03 2.25 19.05
CA GLN D 135 -0.21 0.77 19.10
C GLN D 135 -0.19 0.30 20.56
N VAL D 136 -1.12 -0.60 20.88
CA VAL D 136 -1.31 -1.22 22.23
C VAL D 136 -1.15 -2.74 22.07
N GLU D 137 -0.29 -3.39 22.84
CA GLU D 137 0.02 -4.84 22.66
C GLU D 137 -1.14 -5.69 23.20
N ASN D 138 -1.39 -6.82 22.54
CA ASN D 138 -2.39 -7.87 22.89
C ASN D 138 -3.79 -7.44 22.42
N ASN D 139 -4.37 -6.42 23.04
CA ASN D 139 -5.77 -5.97 22.77
C ASN D 139 -5.80 -5.11 21.50
N HIS D 140 -4.78 -4.27 21.28
CA HIS D 140 -4.62 -3.44 20.06
C HIS D 140 -5.73 -2.39 20.00
N ASN D 141 -6.14 -1.87 21.17
CA ASN D 141 -7.22 -0.85 21.27
C ASN D 141 -7.01 -0.02 22.53
N PHE D 142 -7.77 1.07 22.67
CA PHE D 142 -7.68 2.05 23.77
C PHE D 142 -9.02 2.83 23.83
N PHE D 143 -9.05 3.92 24.60
CA PHE D 143 -10.25 4.79 24.71
C PHE D 143 -9.88 6.23 24.36
N ALA D 144 -10.33 6.68 23.18
CA ALA D 144 -10.18 8.05 22.67
C ALA D 144 -11.43 8.85 23.04
N ASN D 145 -11.27 9.91 23.84
CA ASN D 145 -12.38 10.69 24.44
C ASN D 145 -13.45 9.71 24.96
N GLY D 146 -13.01 8.58 25.53
CA GLY D 146 -13.84 7.69 26.37
C GLY D 146 -14.58 6.59 25.60
N VAL D 147 -14.27 6.35 24.33
CA VAL D 147 -14.91 5.27 23.51
C VAL D 147 -13.84 4.35 22.92
N LEU D 148 -14.19 3.08 22.74
CA LEU D 148 -13.24 1.99 22.36
C LEU D 148 -12.85 2.14 20.88
N ALA D 149 -11.57 2.43 20.63
CA ALA D 149 -10.97 2.61 19.29
C ALA D 149 -9.88 1.55 19.09
N HIS D 150 -9.94 0.81 17.98
CA HIS D 150 -8.92 -0.19 17.56
C HIS D 150 -7.77 0.53 16.84
N ALA D 151 -6.53 0.05 17.01
CA ALA D 151 -5.33 0.61 16.36
C ALA D 151 -4.24 -0.47 16.21
N MET D 152 -3.68 -0.58 14.99
CA MET D 152 -2.63 -1.57 14.62
C MET D 152 -1.81 -0.99 13.46
N GLN D 153 -0.47 -1.08 13.53
CA GLN D 153 0.43 -0.77 12.38
C GLN D 153 1.07 -2.07 11.90
N VAL D 154 0.87 -2.38 10.60
CA VAL D 154 1.18 -3.70 9.98
C VAL D 154 1.77 -3.49 8.58
N SER D 155 2.39 -4.54 8.04
CA SER D 155 3.00 -4.64 6.69
C SER D 155 4.41 -4.03 6.71
C FMT E . 16.63 -3.39 18.52
O1 FMT E . 15.65 -4.12 18.48
O2 FMT E . 16.70 -2.21 19.08
C FMT F . 25.29 21.18 8.89
O1 FMT F . 25.34 22.15 8.16
O2 FMT F . 26.21 20.26 8.96
C FMT G . 28.22 0.30 -11.46
O1 FMT G . 28.81 -0.38 -10.65
O2 FMT G . 28.09 1.59 -11.39
C1 PEG H . 12.46 -4.55 3.64
O1 PEG H . 12.32 -3.41 2.80
C2 PEG H . 13.86 -4.95 3.85
O2 PEG H . 13.95 -6.25 4.37
C3 PEG H . 13.32 -7.21 3.53
C4 PEG H . 12.68 -8.20 4.40
O4 PEG H . 11.71 -9.00 3.77
C FMT I . 4.51 14.39 7.89
O1 FMT I . 5.12 14.58 6.86
O2 FMT I . 5.04 14.03 9.02
HG HG J . 20.57 -6.54 0.43
CA CA K . 27.44 -2.33 12.54
C FMT L . 15.57 2.34 -16.51
O1 FMT L . 15.06 2.16 -17.60
O2 FMT L . 16.57 3.15 -16.28
C FMT M . -3.96 -3.28 1.27
O1 FMT M . -2.76 -3.41 1.35
O2 FMT M . -4.70 -2.49 2.01
C FMT N . 1.98 -13.77 -11.23
O1 FMT N . 1.79 -14.29 -12.31
O2 FMT N . 2.93 -14.09 -10.40
HG HG O . 17.27 -9.72 -8.70
C FMT P . -12.07 2.24 -12.20
O1 FMT P . -12.77 1.88 -13.12
O2 FMT P . -12.46 2.86 -11.12
C FMT Q . -27.09 24.91 -22.57
O1 FMT Q . -26.98 23.70 -22.50
O2 FMT Q . -26.10 25.75 -22.75
HG HG R . -21.38 5.76 0.00
C FMT S . -6.37 -8.52 14.23
O1 FMT S . -5.36 -9.13 13.94
O2 FMT S . -6.47 -7.22 14.28
C FMT T . -7.06 2.61 8.78
O1 FMT T . -6.30 2.40 7.85
O2 FMT T . -8.06 1.84 9.10
HG HG U . -16.57 11.93 8.21
#